data_7H70
#
_entry.id   7H70
#
_cell.length_a   87.357
_cell.length_b   87.357
_cell.length_c   85.664
_cell.angle_alpha   90.00
_cell.angle_beta   90.00
_cell.angle_gamma   120.00
#
_symmetry.space_group_name_H-M   'P 31'
#
loop_
_entity.id
_entity.type
_entity.pdbx_description
1 polymer 'Non-structural protein 3'
2 non-polymer 'DIMETHYL SULFOXIDE'
3 non-polymer 2-AMINO-2-HYDROXYMETHYL-PROPANE-1,3-DIOL
4 non-polymer 'CHLORIDE ION'
5 non-polymer (3S)-3-(cyclohexylmethyl)piperazin-2-one
6 water water
#
_entity_poly.entity_id   1
_entity_poly.type   'polypeptide(L)'
_entity_poly.pdbx_seq_one_letter_code
;GAMAPSYRVKRMDIAKNDEECVVNAANPRGLPGDGVCKAVYKKWPESFKNSATPVGTAKTVMCGTYPVIHAVGPNFSNYT
ESEGDRELAAAYREVAKEVTRLGVNSVAIPLLSTGVYSGGKDRLTQSLNHLFTAMDSTDADVVIYCRDKEWEKKISEAIQ
MRT
;
_entity_poly.pdbx_strand_id   A,B,C,D
#
loop_
_chem_comp.id
_chem_comp.type
_chem_comp.name
_chem_comp.formula
A1AP4 non-polymer (3S)-3-(cyclohexylmethyl)piperazin-2-one 'C11 H20 N2 O'
CL non-polymer 'CHLORIDE ION' 'Cl -1'
DMS non-polymer 'DIMETHYL SULFOXIDE' 'C2 H6 O S'
TRS non-polymer 2-AMINO-2-HYDROXYMETHYL-PROPANE-1,3-DIOL 'C4 H12 N O3 1'
#
# COMPACT_ATOMS: atom_id res chain seq x y z
N GLY A 1 17.35 -17.22 0.22
CA GLY A 1 18.66 -16.54 0.00
C GLY A 1 18.79 -15.97 -1.39
N ALA A 2 19.72 -15.04 -1.63
CA ALA A 2 20.01 -14.55 -2.98
C ALA A 2 20.82 -15.60 -3.73
N MET A 3 20.71 -15.71 -5.06
CA MET A 3 21.45 -16.79 -5.80
C MET A 3 22.98 -16.61 -5.71
N ALA A 4 23.41 -15.37 -5.65
CA ALA A 4 24.84 -15.01 -5.56
C ALA A 4 24.93 -13.76 -4.69
N PRO A 5 24.84 -13.94 -3.35
CA PRO A 5 24.71 -12.77 -2.48
C PRO A 5 25.77 -11.70 -2.74
N SER A 6 25.35 -10.41 -2.81
CA SER A 6 26.23 -9.30 -3.21
C SER A 6 26.09 -8.14 -2.24
N TYR A 7 27.03 -7.21 -2.32
CA TYR A 7 26.96 -5.86 -1.74
C TYR A 7 26.94 -4.85 -2.88
N ARG A 8 26.11 -3.83 -2.77
CA ARG A 8 26.04 -2.70 -3.72
C ARG A 8 25.86 -1.46 -2.89
N VAL A 9 26.17 -0.31 -3.50
CA VAL A 9 25.97 1.00 -2.86
C VAL A 9 25.22 1.91 -3.84
N LYS A 10 24.22 2.65 -3.36
CA LYS A 10 23.49 3.68 -4.13
C LYS A 10 23.45 5.01 -3.36
N ARG A 11 23.53 6.11 -4.08
CA ARG A 11 23.46 7.46 -3.50
C ARG A 11 22.09 8.00 -3.82
N MET A 12 21.19 7.88 -2.84
CA MET A 12 19.79 8.30 -2.98
C MET A 12 19.09 8.07 -1.63
N ASP A 13 17.86 8.55 -1.54
CA ASP A 13 16.98 8.40 -0.36
C ASP A 13 16.59 6.93 -0.18
N ILE A 14 16.94 6.35 0.96
CA ILE A 14 16.58 4.94 1.31
C ILE A 14 15.06 4.72 1.34
N ALA A 15 14.24 5.76 1.49
CA ALA A 15 12.78 5.64 1.37
C ALA A 15 12.34 5.21 -0.04
N LYS A 16 13.18 5.30 -1.08
CA LYS A 16 12.90 4.91 -2.47
C LYS A 16 13.57 3.55 -2.77
N ASN A 17 13.97 2.77 -1.75
CA ASN A 17 14.75 1.51 -1.98
C ASN A 17 13.93 0.49 -2.80
N ASP A 18 14.64 -0.43 -3.45
CA ASP A 18 14.10 -1.55 -4.26
C ASP A 18 14.39 -2.89 -3.59
N GLU A 19 14.45 -2.92 -2.26
CA GLU A 19 14.77 -4.13 -1.47
C GLU A 19 13.56 -4.64 -0.70
N GLU A 20 13.67 -5.83 -0.12
CA GLU A 20 12.52 -6.53 0.54
C GLU A 20 12.28 -6.02 1.96
N CYS A 21 13.22 -5.27 2.52
CA CYS A 21 13.07 -4.65 3.85
C CYS A 21 14.09 -3.54 3.98
N VAL A 22 13.88 -2.69 4.98
CA VAL A 22 14.73 -1.50 5.23
C VAL A 22 15.21 -1.47 6.66
N VAL A 23 16.43 -0.97 6.84
CA VAL A 23 16.99 -0.72 8.19
C VAL A 23 16.89 0.77 8.42
N ASN A 24 16.21 1.15 9.50
CA ASN A 24 16.14 2.55 9.93
C ASN A 24 17.31 2.81 10.87
N ALA A 25 18.02 3.90 10.66
CA ALA A 25 18.99 4.44 11.65
C ALA A 25 18.20 5.19 12.75
N ALA A 26 17.67 4.43 13.69
CA ALA A 26 16.65 4.86 14.66
C ALA A 26 17.28 5.54 15.90
N ASN A 27 16.44 6.28 16.62
CA ASN A 27 16.78 6.70 17.98
C ASN A 27 16.19 5.71 18.95
N PRO A 28 16.68 5.67 20.21
CA PRO A 28 16.18 4.70 21.17
C PRO A 28 14.71 4.85 21.57
N ARG A 29 14.13 6.03 21.31
CA ARG A 29 12.76 6.34 21.82
C ARG A 29 11.69 6.17 20.77
N GLY A 30 12.03 5.69 19.57
CA GLY A 30 11.07 5.56 18.48
C GLY A 30 10.48 6.87 18.07
N LEU A 31 11.22 7.98 18.16
CA LEU A 31 10.77 9.30 17.70
C LEU A 31 11.05 9.48 16.21
N PRO A 32 10.28 10.34 15.51
CA PRO A 32 10.56 10.64 14.10
C PRO A 32 11.99 11.06 13.80
N GLY A 33 12.63 11.83 14.66
CA GLY A 33 14.08 12.05 14.46
C GLY A 33 14.41 12.96 13.28
N ASP A 34 15.64 12.87 12.79
CA ASP A 34 16.17 13.66 11.65
C ASP A 34 16.86 12.72 10.65
N GLY A 35 17.22 13.27 9.48
CA GLY A 35 17.95 12.52 8.43
C GLY A 35 17.23 11.27 7.96
N VAL A 36 17.95 10.13 7.86
CA VAL A 36 17.36 8.80 7.44
C VAL A 36 16.11 8.55 8.28
N CYS A 37 16.17 8.72 9.60
CA CYS A 37 15.01 8.38 10.49
C CYS A 37 13.76 9.20 10.06
N LYS A 38 13.92 10.48 9.74
CA LYS A 38 12.73 11.29 9.35
C LYS A 38 12.17 10.85 7.97
N ALA A 39 13.06 10.47 7.06
CA ALA A 39 12.62 9.97 5.72
C ALA A 39 11.80 8.70 5.93
N VAL A 40 12.30 7.85 6.82
CA VAL A 40 11.69 6.54 7.15
C VAL A 40 10.34 6.82 7.80
N TYR A 41 10.24 7.80 8.71
CA TYR A 41 8.95 8.11 9.37
C TYR A 41 7.91 8.61 8.36
N LYS A 42 8.33 9.40 7.38
CA LYS A 42 7.37 9.89 6.35
C LYS A 42 6.86 8.74 5.47
N LYS A 43 7.72 7.78 5.15
CA LYS A 43 7.37 6.70 4.21
C LYS A 43 6.62 5.56 4.91
N TRP A 44 7.00 5.20 6.13
CA TRP A 44 6.48 4.04 6.87
C TRP A 44 6.08 4.46 8.28
N PRO A 45 5.21 5.46 8.46
CA PRO A 45 4.96 5.90 9.84
C PRO A 45 4.35 4.84 10.75
N GLU A 46 3.61 3.90 10.19
CA GLU A 46 2.96 2.81 10.94
C GLU A 46 4.02 1.95 11.63
N SER A 47 5.25 1.93 11.11
CA SER A 47 6.33 1.08 11.67
C SER A 47 6.88 1.66 12.97
N PHE A 48 6.43 2.83 13.39
CA PHE A 48 6.95 3.46 14.63
C PHE A 48 6.07 3.12 15.84
N LYS A 49 5.06 2.27 15.66
CA LYS A 49 4.27 1.73 16.79
C LYS A 49 5.16 0.84 17.67
N ASN A 50 5.45 1.26 18.89
CA ASN A 50 6.27 0.43 19.82
C ASN A 50 7.62 0.03 19.18
N SER A 51 8.27 0.99 18.52
CA SER A 51 9.63 0.78 17.93
C SER A 51 10.76 1.18 18.90
N ALA A 52 10.50 1.83 20.03
CA ALA A 52 11.56 2.14 21.01
C ALA A 52 12.33 0.89 21.42
N THR A 53 13.65 0.99 21.51
CA THR A 53 14.57 -0.13 21.78
C THR A 53 15.91 0.46 22.20
N PRO A 54 16.66 -0.21 23.06
CA PRO A 54 17.92 0.36 23.56
C PRO A 54 19.02 0.47 22.51
N VAL A 55 20.01 1.25 22.84
CA VAL A 55 21.27 1.33 22.03
C VAL A 55 21.86 -0.05 21.86
N GLY A 56 22.37 -0.34 20.65
CA GLY A 56 23.05 -1.61 20.35
C GLY A 56 22.08 -2.75 20.02
N THR A 57 20.80 -2.44 19.83
CA THR A 57 19.71 -3.38 19.51
C THR A 57 18.96 -2.99 18.24
N ALA A 58 18.24 -3.98 17.70
CA ALA A 58 17.34 -3.75 16.56
C ALA A 58 15.98 -4.35 16.89
N LYS A 59 14.94 -3.66 16.48
CA LYS A 59 13.53 -4.06 16.70
C LYS A 59 12.79 -3.87 15.39
N THR A 60 12.20 -4.97 14.86
CA THR A 60 11.46 -4.95 13.59
C THR A 60 9.98 -4.67 13.87
N VAL A 61 9.40 -3.76 13.11
CA VAL A 61 7.94 -3.48 13.10
C VAL A 61 7.49 -3.46 11.65
N MET A 62 6.42 -4.19 11.34
N MET A 62 6.41 -4.18 11.36
CA MET A 62 5.87 -4.33 9.97
CA MET A 62 5.83 -4.25 10.02
C MET A 62 5.03 -3.10 9.62
C MET A 62 5.12 -2.93 9.68
N CYS A 63 5.23 -2.54 8.41
CA CYS A 63 4.34 -1.53 7.79
C CYS A 63 3.60 -2.27 6.69
N GLY A 64 2.35 -2.68 6.96
CA GLY A 64 1.69 -3.70 6.13
C GLY A 64 2.43 -4.99 6.22
N THR A 65 3.00 -5.52 5.13
CA THR A 65 3.90 -6.68 5.17
C THR A 65 5.37 -6.28 4.97
N TYR A 66 5.66 -4.99 4.91
CA TYR A 66 7.03 -4.51 4.59
C TYR A 66 7.78 -4.33 5.92
N PRO A 67 8.88 -5.07 6.17
CA PRO A 67 9.54 -4.99 7.48
C PRO A 67 10.49 -3.79 7.58
N VAL A 68 10.36 -3.04 8.68
CA VAL A 68 11.26 -1.91 9.01
C VAL A 68 12.03 -2.34 10.25
N ILE A 69 13.35 -2.49 10.12
CA ILE A 69 14.23 -2.98 11.19
C ILE A 69 14.81 -1.70 11.82
N HIS A 70 14.36 -1.32 12.99
CA HIS A 70 14.87 -0.12 13.67
C HIS A 70 16.14 -0.50 14.42
N ALA A 71 17.29 -0.03 13.96
CA ALA A 71 18.62 -0.34 14.51
C ALA A 71 19.15 0.95 15.18
N VAL A 72 19.49 0.81 16.47
CA VAL A 72 19.90 1.98 17.28
C VAL A 72 21.41 1.95 17.49
N GLY A 73 22.12 2.71 16.68
CA GLY A 73 23.54 2.94 16.89
C GLY A 73 23.77 3.95 18.02
N PRO A 74 24.94 3.92 18.62
CA PRO A 74 25.30 4.87 19.69
C PRO A 74 25.52 6.27 19.12
N ASN A 75 25.18 7.27 19.95
CA ASN A 75 25.56 8.67 19.67
C ASN A 75 26.95 8.89 20.25
N PHE A 76 27.95 9.10 19.41
CA PHE A 76 29.36 9.24 19.84
C PHE A 76 29.53 10.56 20.62
N SER A 77 28.55 11.44 20.66
CA SER A 77 28.64 12.61 21.59
C SER A 77 28.58 12.12 23.04
N ASN A 78 27.90 11.02 23.34
CA ASN A 78 27.64 10.55 24.72
C ASN A 78 28.52 9.40 25.17
N TYR A 79 28.87 8.52 24.22
CA TYR A 79 29.67 7.28 24.46
C TYR A 79 31.16 7.61 24.28
N THR A 80 32.01 6.95 25.07
CA THR A 80 33.47 6.91 24.83
C THR A 80 33.72 6.23 23.48
N GLU A 81 34.86 6.48 22.83
CA GLU A 81 35.21 5.75 21.57
C GLU A 81 35.09 4.24 21.76
N SER A 82 35.62 3.70 22.86
CA SER A 82 35.65 2.25 23.13
C SER A 82 34.21 1.72 23.27
N GLU A 83 33.40 2.36 24.09
CA GLU A 83 32.05 1.83 24.41
C GLU A 83 31.15 2.04 23.18
N GLY A 84 31.31 3.13 22.48
CA GLY A 84 30.55 3.39 21.25
C GLY A 84 30.88 2.38 20.18
N ASP A 85 32.17 2.08 20.02
CA ASP A 85 32.59 1.07 19.02
C ASP A 85 31.90 -0.25 19.33
N ARG A 86 31.83 -0.69 20.60
CA ARG A 86 31.21 -1.96 20.98
C ARG A 86 29.70 -1.92 20.64
N GLU A 87 29.02 -0.82 20.92
CA GLU A 87 27.55 -0.72 20.73
C GLU A 87 27.25 -0.68 19.24
N LEU A 88 28.10 -0.04 18.44
CA LEU A 88 27.89 0.05 16.97
C LEU A 88 28.03 -1.36 16.36
N ALA A 89 29.08 -2.10 16.74
CA ALA A 89 29.21 -3.50 16.30
C ALA A 89 27.97 -4.28 16.68
N ALA A 90 27.49 -4.16 17.92
CA ALA A 90 26.35 -4.94 18.42
C ALA A 90 25.08 -4.61 17.60
N ALA A 91 24.79 -3.34 17.31
CA ALA A 91 23.59 -2.98 16.54
C ALA A 91 23.59 -3.74 15.21
N TYR A 92 24.73 -3.73 14.51
CA TYR A 92 24.77 -4.46 13.22
C TYR A 92 24.60 -5.98 13.39
N ARG A 93 25.18 -6.59 14.45
CA ARG A 93 24.92 -8.04 14.72
C ARG A 93 23.43 -8.27 14.89
N GLU A 94 22.69 -7.39 15.60
CA GLU A 94 21.23 -7.59 15.78
C GLU A 94 20.51 -7.39 14.44
N VAL A 95 20.99 -6.52 13.56
CA VAL A 95 20.40 -6.37 12.22
C VAL A 95 20.55 -7.71 11.48
N ALA A 96 21.72 -8.30 11.51
CA ALA A 96 21.91 -9.58 10.76
C ALA A 96 20.96 -10.64 11.29
N LYS A 97 20.75 -10.76 12.59
CA LYS A 97 19.76 -11.70 13.20
C LYS A 97 18.36 -11.44 12.63
N GLU A 98 17.92 -10.20 12.59
CA GLU A 98 16.58 -9.87 12.09
C GLU A 98 16.43 -10.18 10.62
N VAL A 99 17.40 -9.79 9.80
CA VAL A 99 17.38 -10.05 8.35
C VAL A 99 17.22 -11.59 8.17
N THR A 100 18.00 -12.35 8.94
CA THR A 100 17.94 -13.83 8.82
C THR A 100 16.56 -14.34 9.20
N ARG A 101 16.06 -13.90 10.36
CA ARG A 101 14.74 -14.35 10.89
C ARG A 101 13.62 -14.04 9.89
N LEU A 102 13.67 -12.91 9.19
CA LEU A 102 12.61 -12.46 8.30
C LEU A 102 12.58 -13.30 7.01
N GLY A 103 13.69 -13.90 6.65
CA GLY A 103 13.81 -14.73 5.43
C GLY A 103 13.81 -13.92 4.16
N VAL A 104 14.13 -12.62 4.21
CA VAL A 104 14.20 -11.76 3.02
C VAL A 104 15.40 -12.14 2.15
N ASN A 105 15.30 -11.86 0.87
CA ASN A 105 16.41 -12.05 -0.08
C ASN A 105 17.21 -10.78 -0.27
N SER A 106 16.79 -9.64 0.27
CA SER A 106 17.49 -8.34 0.05
C SER A 106 17.14 -7.41 1.22
N VAL A 107 18.03 -6.47 1.50
CA VAL A 107 17.89 -5.46 2.58
C VAL A 107 18.59 -4.17 2.16
N ALA A 108 17.92 -3.04 2.42
CA ALA A 108 18.44 -1.67 2.27
C ALA A 108 18.96 -1.21 3.63
N ILE A 109 20.19 -0.73 3.68
N ILE A 109 20.25 -0.85 3.71
CA ILE A 109 20.83 -0.40 4.98
CA ILE A 109 20.93 -0.47 5.00
C ILE A 109 21.65 0.88 4.88
C ILE A 109 21.61 0.89 4.85
N PRO A 110 21.49 1.79 5.86
CA PRO A 110 22.32 2.97 5.96
C PRO A 110 23.55 2.71 6.84
N LEU A 111 24.56 3.59 6.79
CA LEU A 111 25.72 3.42 7.72
C LEU A 111 25.38 4.04 9.08
N LEU A 112 25.14 3.20 10.08
CA LEU A 112 24.75 3.63 11.43
C LEU A 112 25.84 4.51 12.05
N SER A 113 25.46 5.36 13.01
CA SER A 113 26.39 6.19 13.83
C SER A 113 27.30 7.06 12.94
N THR A 114 26.81 7.40 11.74
CA THR A 114 27.32 8.53 10.91
C THR A 114 26.37 9.70 11.16
N GLY A 115 26.40 10.75 10.33
CA GLY A 115 25.49 11.90 10.48
C GLY A 115 25.48 12.43 11.90
N VAL A 116 24.31 12.62 12.51
CA VAL A 116 24.17 13.43 13.76
C VAL A 116 24.55 12.59 14.99
N TYR A 117 24.83 11.29 14.86
CA TYR A 117 25.38 10.44 15.95
C TYR A 117 26.91 10.21 15.84
N SER A 118 27.60 10.90 14.93
CA SER A 118 29.05 10.64 14.67
C SER A 118 29.98 11.34 15.68
N GLY A 119 29.44 12.22 16.52
CA GLY A 119 30.26 13.08 17.39
C GLY A 119 31.26 13.90 16.59
N GLY A 120 30.87 14.31 15.38
CA GLY A 120 31.64 15.20 14.49
C GLY A 120 32.87 14.54 13.89
N LYS A 121 32.94 13.21 13.82
CA LYS A 121 34.07 12.47 13.22
C LYS A 121 33.57 11.68 12.01
N ASP A 122 34.47 11.49 11.04
CA ASP A 122 34.24 10.64 9.85
C ASP A 122 34.34 9.20 10.30
N ARG A 123 33.21 8.47 10.28
CA ARG A 123 33.15 7.06 10.72
C ARG A 123 32.71 6.15 9.56
N LEU A 124 32.96 6.54 8.32
CA LEU A 124 32.62 5.67 7.15
C LEU A 124 33.26 4.31 7.35
N THR A 125 34.59 4.24 7.46
CA THR A 125 35.30 2.94 7.50
C THR A 125 34.88 2.13 8.75
N GLN A 126 34.80 2.77 9.90
CA GLN A 126 34.44 2.10 11.19
C GLN A 126 33.04 1.47 11.04
N SER A 127 32.10 2.25 10.52
CA SER A 127 30.68 1.79 10.45
C SER A 127 30.56 0.72 9.36
N LEU A 128 31.16 0.95 8.20
CA LEU A 128 31.10 -0.03 7.08
C LEU A 128 31.74 -1.35 7.52
N ASN A 129 32.89 -1.34 8.20
CA ASN A 129 33.56 -2.59 8.59
C ASN A 129 32.69 -3.35 9.59
N HIS A 130 31.98 -2.67 10.51
CA HIS A 130 31.07 -3.41 11.42
C HIS A 130 29.87 -3.96 10.63
N LEU A 131 29.42 -3.26 9.61
CA LEU A 131 28.32 -3.75 8.72
C LEU A 131 28.80 -5.05 8.07
N PHE A 132 30.02 -5.04 7.52
CA PHE A 132 30.49 -6.27 6.81
C PHE A 132 30.65 -7.39 7.83
N THR A 133 31.22 -7.14 9.01
CA THR A 133 31.44 -8.21 10.01
C THR A 133 30.12 -8.94 10.32
N ALA A 134 29.04 -8.19 10.46
CA ALA A 134 27.71 -8.78 10.76
C ALA A 134 27.12 -9.43 9.51
N MET A 135 27.13 -8.75 8.37
CA MET A 135 26.30 -9.16 7.23
C MET A 135 27.00 -10.23 6.37
N ASP A 136 28.31 -10.42 6.52
CA ASP A 136 29.04 -11.36 5.61
C ASP A 136 28.55 -12.80 5.75
N SER A 137 28.04 -13.21 6.89
CA SER A 137 27.53 -14.60 7.07
C SER A 137 26.07 -14.72 6.65
N THR A 138 25.39 -13.64 6.24
CA THR A 138 24.00 -13.70 5.74
C THR A 138 24.03 -13.89 4.21
N ASP A 139 22.94 -14.42 3.65
CA ASP A 139 22.87 -14.60 2.20
C ASP A 139 21.88 -13.62 1.55
N ALA A 140 21.51 -12.54 2.23
CA ALA A 140 20.71 -11.49 1.57
C ALA A 140 21.56 -10.61 0.65
N ASP A 141 21.04 -10.15 -0.48
CA ASP A 141 21.64 -9.02 -1.23
C ASP A 141 21.57 -7.80 -0.32
N VAL A 142 22.68 -7.15 -0.07
CA VAL A 142 22.75 -5.92 0.77
C VAL A 142 22.96 -4.72 -0.14
N VAL A 143 22.12 -3.71 0.01
CA VAL A 143 22.24 -2.45 -0.76
C VAL A 143 22.40 -1.32 0.27
N ILE A 144 23.58 -0.73 0.27
CA ILE A 144 23.94 0.35 1.22
C ILE A 144 23.50 1.66 0.58
N TYR A 145 22.83 2.51 1.35
CA TYR A 145 22.36 3.83 0.89
C TYR A 145 23.18 4.92 1.58
N CYS A 146 23.56 5.91 0.79
CA CYS A 146 24.31 7.10 1.27
C CYS A 146 23.84 8.34 0.52
N ARG A 147 24.24 9.53 0.98
CA ARG A 147 23.80 10.81 0.34
C ARG A 147 24.97 11.60 -0.27
N ASP A 148 26.19 11.36 0.21
CA ASP A 148 27.41 12.13 -0.15
C ASP A 148 28.11 11.49 -1.36
N LYS A 149 28.49 12.29 -2.35
CA LYS A 149 29.20 11.81 -3.56
C LYS A 149 30.55 11.14 -3.24
N GLU A 150 31.33 11.74 -2.34
CA GLU A 150 32.67 11.18 -1.97
C GLU A 150 32.51 9.86 -1.17
N TRP A 151 31.51 9.82 -0.29
CA TRP A 151 31.21 8.57 0.45
C TRP A 151 30.79 7.47 -0.50
N GLU A 152 29.98 7.78 -1.52
CA GLU A 152 29.58 6.76 -2.52
C GLU A 152 30.85 6.09 -3.09
N LYS A 153 31.83 6.91 -3.53
CA LYS A 153 33.05 6.41 -4.17
C LYS A 153 33.82 5.54 -3.19
N LYS A 154 33.99 6.00 -1.92
CA LYS A 154 34.76 5.24 -0.91
C LYS A 154 34.07 3.93 -0.55
N ILE A 155 32.75 3.92 -0.40
CA ILE A 155 32.00 2.67 -0.09
C ILE A 155 32.14 1.70 -1.28
N SER A 156 32.01 2.23 -2.50
CA SER A 156 32.09 1.39 -3.72
C SER A 156 33.49 0.77 -3.81
N GLU A 157 34.51 1.59 -3.54
CA GLU A 157 35.92 1.09 -3.53
C GLU A 157 36.09 -0.04 -2.50
N ALA A 158 35.59 0.15 -1.27
CA ALA A 158 35.73 -0.84 -0.19
C ALA A 158 35.01 -2.15 -0.60
N ILE A 159 33.86 -2.06 -1.26
CA ILE A 159 33.12 -3.28 -1.70
C ILE A 159 33.98 -4.00 -2.74
N GLN A 160 34.47 -3.26 -3.73
CA GLN A 160 35.15 -3.81 -4.94
C GLN A 160 36.48 -4.44 -4.49
N MET A 161 37.15 -3.86 -3.50
CA MET A 161 38.47 -4.31 -2.93
C MET A 161 38.40 -5.78 -2.51
N ARG A 162 37.28 -6.21 -1.91
CA ARG A 162 37.12 -7.60 -1.39
C ARG A 162 36.77 -8.55 -2.54
N THR A 163 36.33 -7.98 -3.68
CA THR A 163 36.20 -8.51 -5.07
C THR A 163 34.78 -8.21 -5.55
N GLY B 1 12.09 -7.58 -31.43
CA GLY B 1 10.94 -6.72 -31.86
C GLY B 1 9.61 -7.30 -31.42
N ALA B 2 8.57 -6.47 -31.39
CA ALA B 2 7.19 -6.89 -31.09
C ALA B 2 6.70 -7.64 -32.32
N MET B 3 5.85 -8.68 -32.17
CA MET B 3 5.53 -9.53 -33.36
C MET B 3 4.63 -8.76 -34.33
N ALA B 4 3.90 -7.77 -33.82
CA ALA B 4 3.11 -6.82 -34.63
C ALA B 4 3.30 -5.42 -34.05
N PRO B 5 4.43 -4.75 -34.38
CA PRO B 5 4.74 -3.47 -33.74
C PRO B 5 3.52 -2.53 -33.76
N SER B 6 3.23 -1.90 -32.63
CA SER B 6 2.06 -1.02 -32.46
C SER B 6 2.46 0.29 -31.77
N TYR B 7 1.51 1.21 -31.83
CA TYR B 7 1.44 2.44 -31.02
C TYR B 7 0.16 2.33 -30.16
N ARG B 8 0.27 2.73 -28.89
CA ARG B 8 -0.84 2.76 -27.92
C ARG B 8 -0.68 4.03 -27.07
N VAL B 9 -1.77 4.58 -26.53
CA VAL B 9 -1.68 5.74 -25.58
C VAL B 9 -2.29 5.28 -24.26
N LYS B 10 -1.69 5.75 -23.16
CA LYS B 10 -2.18 5.56 -21.77
C LYS B 10 -2.22 6.93 -21.11
N ARG B 11 -3.33 7.24 -20.43
CA ARG B 11 -3.46 8.48 -19.64
C ARG B 11 -3.16 8.16 -18.18
N MET B 12 -1.91 8.27 -17.77
CA MET B 12 -1.43 7.88 -16.42
C MET B 12 0.02 8.32 -16.29
N ASP B 13 0.54 8.18 -15.07
CA ASP B 13 1.92 8.49 -14.64
C ASP B 13 2.88 7.46 -15.25
N ILE B 14 3.81 7.94 -16.08
CA ILE B 14 4.76 7.11 -16.87
C ILE B 14 5.69 6.37 -15.92
N ALA B 15 5.84 6.81 -14.67
CA ALA B 15 6.63 6.05 -13.67
C ALA B 15 5.98 4.67 -13.37
N LYS B 16 4.69 4.49 -13.66
CA LYS B 16 3.95 3.22 -13.45
C LYS B 16 3.90 2.40 -14.73
N ASN B 17 4.70 2.72 -15.76
CA ASN B 17 4.68 2.01 -17.05
C ASN B 17 5.04 0.53 -16.92
N ASP B 18 4.54 -0.27 -17.87
N ASP B 18 4.50 -0.34 -17.80
CA ASP B 18 4.69 -1.75 -17.93
CA ASP B 18 4.82 -1.81 -17.84
C ASP B 18 5.70 -2.13 -19.01
C ASP B 18 5.68 -2.13 -19.07
N GLU B 19 6.36 -1.14 -19.64
CA GLU B 19 7.24 -1.36 -20.80
C GLU B 19 8.65 -1.67 -20.35
N GLU B 20 9.50 -2.08 -21.28
CA GLU B 20 10.88 -2.58 -21.05
C GLU B 20 11.89 -1.43 -20.88
N CYS B 21 11.44 -0.18 -21.05
CA CYS B 21 12.30 1.00 -20.83
C CYS B 21 11.42 2.23 -20.87
N VAL B 22 11.95 3.33 -20.32
CA VAL B 22 11.21 4.61 -20.19
C VAL B 22 12.06 5.73 -20.80
N VAL B 23 11.36 6.64 -21.45
CA VAL B 23 11.97 7.94 -21.91
C VAL B 23 11.56 9.01 -20.90
N ASN B 24 12.56 9.66 -20.34
CA ASN B 24 12.37 10.83 -19.46
C ASN B 24 12.36 12.09 -20.36
N ALA B 25 11.45 13.00 -20.08
CA ALA B 25 11.45 14.36 -20.67
C ALA B 25 12.40 15.18 -19.81
N ALA B 26 13.69 15.06 -20.10
CA ALA B 26 14.80 15.54 -19.25
C ALA B 26 15.10 17.02 -19.47
N ASN B 27 15.77 17.63 -18.50
CA ASN B 27 16.47 18.90 -18.75
C ASN B 27 17.91 18.60 -19.09
N PRO B 28 18.69 19.56 -19.62
CA PRO B 28 20.07 19.31 -20.02
C PRO B 28 21.04 19.00 -18.88
N ARG B 29 20.68 19.30 -17.62
CA ARG B 29 21.67 19.28 -16.53
C ARG B 29 21.44 18.09 -15.63
N GLY B 30 20.50 17.22 -15.96
CA GLY B 30 20.17 16.04 -15.15
C GLY B 30 19.70 16.41 -13.77
N LEU B 31 18.88 17.43 -13.69
CA LEU B 31 18.24 17.91 -12.44
C LEU B 31 16.84 17.34 -12.34
N PRO B 32 16.25 17.26 -11.13
CA PRO B 32 14.89 16.74 -10.95
C PRO B 32 13.69 17.27 -11.78
N GLY B 33 13.52 18.57 -11.96
CA GLY B 33 12.54 19.08 -12.97
C GLY B 33 11.08 19.06 -12.58
N ASP B 34 10.19 19.17 -13.57
CA ASP B 34 8.71 19.23 -13.43
C ASP B 34 8.05 18.09 -14.20
N GLY B 35 6.75 17.91 -14.02
CA GLY B 35 5.93 16.95 -14.78
C GLY B 35 6.56 15.57 -14.78
N VAL B 36 6.74 14.99 -15.97
CA VAL B 36 7.26 13.59 -16.16
C VAL B 36 8.63 13.47 -15.49
N CYS B 37 9.48 14.49 -15.57
CA CYS B 37 10.84 14.43 -15.00
C CYS B 37 10.78 14.22 -13.48
N LYS B 38 9.86 14.91 -12.82
CA LYS B 38 9.69 14.82 -11.34
C LYS B 38 9.21 13.42 -10.97
N ALA B 39 8.35 12.82 -11.78
CA ALA B 39 7.86 11.43 -11.59
C ALA B 39 9.00 10.41 -11.78
N VAL B 40 9.82 10.60 -12.81
CA VAL B 40 11.00 9.73 -13.08
C VAL B 40 12.02 9.85 -11.94
N TYR B 41 12.28 11.06 -11.43
CA TYR B 41 13.23 11.26 -10.33
C TYR B 41 12.71 10.61 -9.04
N LYS B 42 11.40 10.60 -8.86
CA LYS B 42 10.80 10.04 -7.62
C LYS B 42 11.08 8.52 -7.56
N LYS B 43 11.15 7.82 -8.69
CA LYS B 43 11.30 6.34 -8.72
C LYS B 43 12.75 5.94 -9.05
N TRP B 44 13.40 6.63 -10.01
CA TRP B 44 14.75 6.29 -10.49
C TRP B 44 15.71 7.46 -10.34
N PRO B 45 15.94 7.99 -9.12
CA PRO B 45 16.85 9.12 -8.95
C PRO B 45 18.28 8.76 -9.30
N GLU B 46 18.70 7.51 -9.05
CA GLU B 46 20.07 7.06 -9.41
C GLU B 46 20.27 7.00 -10.94
N SER B 47 19.20 7.03 -11.73
CA SER B 47 19.29 7.17 -13.20
C SER B 47 19.75 8.58 -13.59
N PHE B 48 19.80 9.57 -12.67
CA PHE B 48 20.27 10.93 -12.98
C PHE B 48 21.78 11.08 -12.78
N LYS B 49 22.46 10.00 -12.35
CA LYS B 49 23.91 10.01 -12.19
C LYS B 49 24.55 10.24 -13.54
N ASN B 50 25.15 11.39 -13.73
CA ASN B 50 25.89 11.75 -14.98
C ASN B 50 24.92 11.62 -16.16
N SER B 51 23.69 12.08 -15.99
CA SER B 51 22.69 12.09 -17.09
C SER B 51 22.69 13.42 -17.88
N ALA B 52 23.45 14.43 -17.50
CA ALA B 52 23.44 15.73 -18.22
C ALA B 52 23.84 15.51 -19.69
N THR B 53 23.13 16.12 -20.62
CA THR B 53 23.35 15.90 -22.08
C THR B 53 22.72 17.08 -22.81
N PRO B 54 23.24 17.49 -24.00
CA PRO B 54 22.71 18.69 -24.63
C PRO B 54 21.28 18.59 -25.16
N VAL B 55 20.68 19.75 -25.43
CA VAL B 55 19.37 19.83 -26.12
C VAL B 55 19.50 19.06 -27.46
N GLY B 56 18.47 18.27 -27.78
CA GLY B 56 18.42 17.56 -29.06
C GLY B 56 19.11 16.22 -28.98
N THR B 57 19.47 15.76 -27.78
CA THR B 57 20.14 14.48 -27.58
C THR B 57 19.42 13.61 -26.54
N ALA B 58 19.79 12.34 -26.53
CA ALA B 58 19.32 11.39 -25.51
C ALA B 58 20.52 10.67 -24.90
N LYS B 59 20.45 10.46 -23.58
CA LYS B 59 21.49 9.75 -22.80
C LYS B 59 20.81 8.68 -21.95
N THR B 60 21.28 7.43 -22.04
CA THR B 60 20.65 6.30 -21.31
C THR B 60 21.49 5.99 -20.09
N VAL B 61 20.81 5.83 -18.97
CA VAL B 61 21.44 5.36 -17.69
C VAL B 61 20.65 4.15 -17.24
N MET B 62 21.38 3.03 -17.05
CA MET B 62 20.83 1.75 -16.61
C MET B 62 20.61 1.79 -15.08
N CYS B 63 19.43 1.38 -14.66
CA CYS B 63 19.09 1.05 -13.26
C CYS B 63 18.96 -0.47 -13.19
N GLY B 64 20.06 -1.18 -12.93
CA GLY B 64 20.04 -2.65 -13.07
C GLY B 64 19.87 -2.99 -14.52
N THR B 65 18.82 -3.69 -14.90
CA THR B 65 18.60 -4.05 -16.33
C THR B 65 17.58 -3.08 -16.95
N TYR B 66 17.07 -2.09 -16.20
CA TYR B 66 15.97 -1.19 -16.69
C TYR B 66 16.59 0.10 -17.25
N PRO B 67 16.50 0.35 -18.58
CA PRO B 67 17.04 1.58 -19.18
C PRO B 67 16.11 2.78 -19.03
N VAL B 68 16.69 3.89 -18.54
CA VAL B 68 16.09 5.24 -18.50
C VAL B 68 16.79 6.09 -19.55
N ILE B 69 16.03 6.44 -20.60
CA ILE B 69 16.54 7.22 -21.74
C ILE B 69 16.19 8.71 -21.50
N HIS B 70 17.16 9.50 -21.12
CA HIS B 70 16.94 10.94 -20.83
C HIS B 70 16.98 11.70 -22.17
N ALA B 71 15.82 12.17 -22.62
CA ALA B 71 15.68 12.83 -23.95
C ALA B 71 15.44 14.33 -23.68
N VAL B 72 16.33 15.17 -24.20
CA VAL B 72 16.26 16.64 -23.91
C VAL B 72 15.60 17.37 -25.09
N GLY B 73 14.34 17.68 -24.97
CA GLY B 73 13.64 18.58 -25.90
C GLY B 73 13.97 20.04 -25.59
N PRO B 74 13.83 20.93 -26.59
CA PRO B 74 14.10 22.36 -26.39
C PRO B 74 13.00 23.01 -25.53
N ASN B 75 13.43 24.02 -24.77
CA ASN B 75 12.49 24.97 -24.11
C ASN B 75 12.13 26.08 -25.10
N PHE B 76 10.90 26.10 -25.59
CA PHE B 76 10.44 27.09 -26.58
C PHE B 76 10.36 28.49 -25.92
N SER B 77 10.56 28.66 -24.63
CA SER B 77 10.75 30.02 -24.04
C SER B 77 12.09 30.59 -24.51
N ASN B 78 13.05 29.74 -24.86
CA ASN B 78 14.44 30.13 -25.16
C ASN B 78 14.83 29.96 -26.64
N TYR B 79 14.29 28.94 -27.31
CA TYR B 79 14.52 28.63 -28.75
C TYR B 79 13.44 29.28 -29.61
N THR B 80 13.83 29.78 -30.79
CA THR B 80 12.86 30.24 -31.78
C THR B 80 12.04 29.04 -32.28
N GLU B 81 10.92 29.30 -32.91
CA GLU B 81 10.10 28.21 -33.51
C GLU B 81 10.96 27.40 -34.48
N SER B 82 11.80 28.06 -35.28
CA SER B 82 12.60 27.32 -36.29
C SER B 82 13.63 26.42 -35.59
N GLU B 83 14.40 26.98 -34.68
CA GLU B 83 15.52 26.23 -34.06
C GLU B 83 14.96 25.13 -33.15
N GLY B 84 13.90 25.45 -32.42
CA GLY B 84 13.17 24.50 -31.55
C GLY B 84 12.63 23.35 -32.33
N ASP B 85 12.03 23.60 -33.50
CA ASP B 85 11.42 22.50 -34.29
C ASP B 85 12.52 21.50 -34.63
N ARG B 86 13.69 21.99 -35.00
CA ARG B 86 14.81 21.11 -35.42
C ARG B 86 15.29 20.33 -34.20
N GLU B 87 15.44 20.96 -33.04
CA GLU B 87 16.01 20.27 -31.86
C GLU B 87 15.01 19.27 -31.31
N LEU B 88 13.75 19.51 -31.48
CA LEU B 88 12.68 18.59 -31.00
C LEU B 88 12.69 17.34 -31.90
N ALA B 89 12.77 17.51 -33.21
CA ALA B 89 12.94 16.37 -34.12
C ALA B 89 14.17 15.58 -33.75
N ALA B 90 15.30 16.24 -33.50
CA ALA B 90 16.59 15.60 -33.20
C ALA B 90 16.48 14.75 -31.92
N ALA B 91 15.85 15.25 -30.86
CA ALA B 91 15.75 14.52 -29.58
C ALA B 91 15.03 13.21 -29.87
N TYR B 92 13.94 13.23 -30.64
CA TYR B 92 13.20 11.98 -30.93
C TYR B 92 14.06 11.06 -31.81
N ARG B 93 14.80 11.60 -32.77
CA ARG B 93 15.68 10.71 -33.60
C ARG B 93 16.67 9.99 -32.70
N GLU B 94 17.24 10.67 -31.69
N GLU B 94 17.21 10.67 -31.68
CA GLU B 94 18.20 10.03 -30.74
CA GLU B 94 18.19 10.04 -30.75
C GLU B 94 17.47 8.98 -29.89
C GLU B 94 17.47 8.99 -29.88
N VAL B 95 16.21 9.21 -29.51
CA VAL B 95 15.40 8.20 -28.78
C VAL B 95 15.29 6.94 -29.65
N ALA B 96 14.97 7.08 -30.94
CA ALA B 96 14.80 5.89 -31.80
C ALA B 96 16.09 5.08 -31.89
N LYS B 97 17.24 5.76 -31.99
CA LYS B 97 18.58 5.12 -32.06
C LYS B 97 18.87 4.38 -30.75
N GLU B 98 18.48 4.93 -29.60
CA GLU B 98 18.72 4.30 -28.29
C GLU B 98 17.78 3.10 -28.14
N VAL B 99 16.50 3.25 -28.46
CA VAL B 99 15.56 2.11 -28.35
C VAL B 99 16.09 0.95 -29.22
N THR B 100 16.59 1.25 -30.40
CA THR B 100 17.09 0.22 -31.36
C THR B 100 18.31 -0.42 -30.72
N ARG B 101 19.24 0.38 -30.24
CA ARG B 101 20.51 -0.14 -29.65
C ARG B 101 20.20 -1.09 -28.47
N LEU B 102 19.26 -0.74 -27.63
CA LEU B 102 18.91 -1.46 -26.37
C LEU B 102 18.25 -2.81 -26.65
N GLY B 103 17.64 -2.96 -27.84
CA GLY B 103 16.98 -4.21 -28.25
C GLY B 103 15.72 -4.49 -27.49
N VAL B 104 15.13 -3.49 -26.84
CA VAL B 104 13.86 -3.64 -26.10
C VAL B 104 12.76 -3.96 -27.11
N ASN B 105 11.72 -4.63 -26.66
CA ASN B 105 10.51 -4.88 -27.48
C ASN B 105 9.40 -3.89 -27.17
N SER B 106 9.54 -3.04 -26.14
CA SER B 106 8.57 -1.98 -25.82
C SER B 106 9.32 -0.79 -25.17
N VAL B 107 8.68 0.36 -25.23
CA VAL B 107 9.19 1.65 -24.67
C VAL B 107 7.99 2.52 -24.32
N ALA B 108 8.03 3.18 -23.17
CA ALA B 108 7.11 4.20 -22.66
C ALA B 108 7.71 5.57 -22.99
N ILE B 109 6.94 6.41 -23.68
N ILE B 109 6.96 6.38 -23.74
CA ILE B 109 7.48 7.71 -24.16
CA ILE B 109 7.43 7.71 -24.25
C ILE B 109 6.47 8.83 -23.91
C ILE B 109 6.45 8.80 -23.87
N PRO B 110 6.92 9.96 -23.32
CA PRO B 110 6.05 11.12 -23.13
C PRO B 110 6.17 12.07 -24.33
N LEU B 111 5.29 13.09 -24.43
CA LEU B 111 5.40 14.06 -25.55
C LEU B 111 6.38 15.17 -25.11
N LEU B 112 7.56 15.18 -25.68
CA LEU B 112 8.64 16.13 -25.38
C LEU B 112 8.19 17.55 -25.75
N SER B 113 8.58 18.48 -24.89
CA SER B 113 8.41 19.95 -25.05
C SER B 113 6.92 20.37 -24.98
N THR B 114 6.02 19.60 -24.37
CA THR B 114 4.56 19.90 -24.34
C THR B 114 4.12 20.50 -22.99
N GLY B 115 4.98 20.46 -21.98
CA GLY B 115 4.66 21.02 -20.63
C GLY B 115 5.32 22.36 -20.45
N VAL B 116 6.15 22.46 -19.40
CA VAL B 116 6.87 23.70 -19.00
C VAL B 116 7.69 24.22 -20.19
N TYR B 117 8.23 23.33 -21.04
CA TYR B 117 9.07 23.72 -22.22
C TYR B 117 8.21 24.13 -23.45
N SER B 118 6.87 24.26 -23.36
CA SER B 118 6.02 24.56 -24.54
C SER B 118 6.05 26.05 -24.96
N GLY B 119 6.58 26.92 -24.12
CA GLY B 119 6.54 28.36 -24.43
C GLY B 119 5.11 28.90 -24.40
N GLY B 120 4.21 28.25 -23.65
CA GLY B 120 2.78 28.63 -23.53
C GLY B 120 1.93 28.21 -24.71
N LYS B 121 2.43 27.40 -25.68
CA LYS B 121 1.66 26.99 -26.88
C LYS B 121 1.27 25.51 -26.77
N ASP B 122 0.11 25.14 -27.34
CA ASP B 122 -0.35 23.73 -27.47
C ASP B 122 0.55 23.06 -28.52
N ARG B 123 1.42 22.14 -28.12
CA ARG B 123 2.33 21.48 -29.10
C ARG B 123 2.03 19.99 -29.26
N LEU B 124 0.82 19.55 -28.97
CA LEU B 124 0.50 18.10 -29.10
C LEU B 124 0.84 17.63 -30.52
N THR B 125 0.28 18.24 -31.55
CA THR B 125 0.41 17.78 -32.95
C THR B 125 1.89 17.82 -33.38
N GLN B 126 2.57 18.91 -33.09
CA GLN B 126 4.01 19.07 -33.42
C GLN B 126 4.82 17.96 -32.75
N SER B 127 4.62 17.72 -31.46
CA SER B 127 5.50 16.79 -30.70
C SER B 127 5.17 15.37 -31.19
N LEU B 128 3.90 15.06 -31.37
CA LEU B 128 3.46 13.71 -31.83
C LEU B 128 3.99 13.47 -33.23
N ASN B 129 3.97 14.46 -34.10
CA ASN B 129 4.47 14.28 -35.49
C ASN B 129 5.95 13.90 -35.45
N HIS B 130 6.75 14.58 -34.63
CA HIS B 130 8.19 14.29 -34.55
C HIS B 130 8.39 12.88 -33.91
N LEU B 131 7.53 12.50 -32.96
CA LEU B 131 7.64 11.15 -32.31
C LEU B 131 7.42 10.11 -33.41
N PHE B 132 6.36 10.25 -34.18
CA PHE B 132 6.06 9.27 -35.25
C PHE B 132 7.19 9.27 -36.27
N THR B 133 7.69 10.44 -36.70
CA THR B 133 8.74 10.47 -37.75
C THR B 133 9.95 9.65 -37.31
N ALA B 134 10.32 9.72 -36.02
CA ALA B 134 11.48 8.99 -35.49
C ALA B 134 11.13 7.52 -35.28
N MET B 135 9.98 7.23 -34.68
CA MET B 135 9.73 5.87 -34.14
C MET B 135 9.14 4.98 -35.23
N ASP B 136 8.62 5.50 -36.34
CA ASP B 136 7.91 4.66 -37.34
C ASP B 136 8.81 3.54 -37.84
N SER B 137 10.11 3.80 -38.02
CA SER B 137 11.05 2.80 -38.59
C SER B 137 11.52 1.79 -37.52
N THR B 138 11.19 1.96 -36.25
CA THR B 138 11.56 1.01 -35.16
C THR B 138 10.47 -0.07 -35.02
N ASP B 139 10.82 -1.26 -34.48
CA ASP B 139 9.83 -2.35 -34.30
C ASP B 139 9.44 -2.55 -32.84
N ALA B 140 9.80 -1.62 -31.94
CA ALA B 140 9.35 -1.73 -30.54
C ALA B 140 7.86 -1.36 -30.45
N ASP B 141 7.12 -1.99 -29.57
CA ASP B 141 5.81 -1.49 -29.17
C ASP B 141 6.01 -0.16 -28.44
N VAL B 142 5.38 0.88 -28.96
CA VAL B 142 5.51 2.23 -28.35
C VAL B 142 4.23 2.53 -27.58
N VAL B 143 4.36 2.94 -26.32
CA VAL B 143 3.24 3.39 -25.46
C VAL B 143 3.51 4.85 -25.11
N ILE B 144 2.66 5.69 -25.64
CA ILE B 144 2.72 7.17 -25.43
C ILE B 144 1.95 7.49 -24.15
N TYR B 145 2.57 8.22 -23.23
CA TYR B 145 1.93 8.62 -21.94
C TYR B 145 1.49 10.08 -22.00
N CYS B 146 0.33 10.36 -21.38
CA CYS B 146 -0.21 11.74 -21.25
C CYS B 146 -1.05 11.80 -19.96
N ARG B 147 -1.48 13.00 -19.57
CA ARG B 147 -2.28 13.18 -18.31
C ARG B 147 -3.67 13.76 -18.58
N ASP B 148 -3.80 14.55 -19.64
CA ASP B 148 -5.03 15.32 -19.98
C ASP B 148 -5.98 14.45 -20.81
N LYS B 149 -7.28 14.45 -20.49
CA LYS B 149 -8.27 13.61 -21.18
C LYS B 149 -8.48 14.05 -22.62
N GLU B 150 -8.45 15.36 -22.89
CA GLU B 150 -8.61 15.90 -24.26
C GLU B 150 -7.39 15.45 -25.07
N TRP B 151 -6.22 15.48 -24.45
CA TRP B 151 -4.95 15.06 -25.11
C TRP B 151 -4.99 13.55 -25.42
N GLU B 152 -5.40 12.73 -24.45
CA GLU B 152 -5.53 11.26 -24.65
C GLU B 152 -6.41 11.00 -25.88
N LYS B 153 -7.56 11.68 -25.97
CA LYS B 153 -8.52 11.49 -27.08
C LYS B 153 -7.84 11.85 -28.40
N LYS B 154 -7.15 12.99 -28.46
CA LYS B 154 -6.53 13.47 -29.73
C LYS B 154 -5.36 12.56 -30.11
N ILE B 155 -4.59 12.06 -29.16
CA ILE B 155 -3.44 11.16 -29.50
C ILE B 155 -4.03 9.85 -30.02
N SER B 156 -5.04 9.31 -29.33
CA SER B 156 -5.72 8.06 -29.76
C SER B 156 -6.24 8.25 -31.17
N GLU B 157 -6.91 9.37 -31.45
CA GLU B 157 -7.48 9.63 -32.80
C GLU B 157 -6.35 9.58 -33.82
N ALA B 158 -5.25 10.26 -33.52
CA ALA B 158 -4.11 10.38 -34.44
C ALA B 158 -3.54 8.98 -34.71
N ILE B 159 -3.43 8.13 -33.70
CA ILE B 159 -2.87 6.76 -33.91
C ILE B 159 -3.80 5.98 -34.85
N GLN B 160 -5.11 5.97 -34.53
CA GLN B 160 -6.12 5.17 -35.27
C GLN B 160 -6.22 5.59 -36.73
N MET B 161 -6.06 6.89 -37.01
CA MET B 161 -6.25 7.53 -38.34
C MET B 161 -5.23 7.00 -39.35
N ARG B 162 -4.08 6.51 -38.90
CA ARG B 162 -2.92 6.21 -39.78
C ARG B 162 -2.97 4.82 -40.39
N THR B 163 -3.79 3.93 -39.82
CA THR B 163 -3.80 2.49 -40.14
C THR B 163 -5.23 2.10 -40.58
N GLY C 1 -26.50 -8.33 4.51
CA GLY C 1 -25.31 -9.15 4.90
C GLY C 1 -25.65 -10.63 5.05
N ALA C 2 -24.64 -11.51 4.96
CA ALA C 2 -24.80 -12.96 5.25
C ALA C 2 -25.09 -13.11 6.75
N MET C 3 -25.94 -14.08 7.13
CA MET C 3 -26.35 -14.32 8.54
C MET C 3 -25.13 -14.71 9.40
N ALA C 4 -24.16 -15.44 8.84
CA ALA C 4 -22.90 -15.85 9.49
C ALA C 4 -21.76 -15.67 8.49
N PRO C 5 -21.29 -14.42 8.28
CA PRO C 5 -20.30 -14.12 7.24
C PRO C 5 -19.11 -15.08 7.31
N SER C 6 -18.75 -15.67 6.17
CA SER C 6 -17.66 -16.67 6.06
C SER C 6 -16.64 -16.33 4.97
N TYR C 7 -15.53 -17.07 4.98
CA TYR C 7 -14.55 -17.21 3.89
C TYR C 7 -14.55 -18.65 3.38
N ARG C 8 -14.48 -18.82 2.08
CA ARG C 8 -14.33 -20.13 1.41
C ARG C 8 -13.35 -19.98 0.27
N VAL C 9 -12.75 -21.06 -0.17
CA VAL C 9 -11.90 -21.08 -1.38
C VAL C 9 -12.38 -22.16 -2.33
N LYS C 10 -12.36 -21.85 -3.62
CA LYS C 10 -12.70 -22.79 -4.70
C LYS C 10 -11.61 -22.80 -5.76
N ARG C 11 -11.25 -23.98 -6.24
CA ARG C 11 -10.36 -24.17 -7.40
C ARG C 11 -11.20 -24.31 -8.67
N MET C 12 -11.43 -23.21 -9.38
CA MET C 12 -12.52 -23.08 -10.35
C MET C 12 -12.35 -21.75 -11.08
N ASP C 13 -12.85 -21.68 -12.32
CA ASP C 13 -12.90 -20.47 -13.17
C ASP C 13 -13.83 -19.43 -12.50
N ILE C 14 -13.30 -18.28 -12.14
CA ILE C 14 -14.07 -17.23 -11.43
C ILE C 14 -15.16 -16.71 -12.38
N ALA C 15 -15.02 -16.94 -13.68
CA ALA C 15 -16.01 -16.45 -14.64
C ALA C 15 -17.30 -17.28 -14.52
N LYS C 16 -17.23 -18.39 -13.78
N LYS C 16 -17.25 -18.40 -13.80
CA LYS C 16 -18.36 -19.34 -13.52
CA LYS C 16 -18.44 -19.26 -13.55
C LYS C 16 -18.76 -19.30 -12.04
C LYS C 16 -18.76 -19.30 -12.04
N ASN C 17 -18.47 -18.21 -11.32
CA ASN C 17 -18.76 -18.13 -9.88
C ASN C 17 -20.27 -18.20 -9.56
N ASP C 18 -20.58 -18.50 -8.31
CA ASP C 18 -21.96 -18.62 -7.78
C ASP C 18 -22.23 -17.55 -6.73
N GLU C 19 -21.63 -16.38 -6.88
CA GLU C 19 -21.82 -15.25 -5.98
C GLU C 19 -22.54 -14.08 -6.65
N GLU C 20 -22.90 -13.09 -5.84
CA GLU C 20 -23.76 -11.96 -6.28
C GLU C 20 -22.94 -10.87 -7.00
N CYS C 21 -21.62 -10.92 -6.93
CA CYS C 21 -20.76 -10.01 -7.72
C CYS C 21 -19.38 -10.62 -7.87
N VAL C 22 -18.56 -10.03 -8.74
CA VAL C 22 -17.21 -10.54 -9.04
C VAL C 22 -16.20 -9.39 -8.96
N VAL C 23 -15.01 -9.73 -8.50
CA VAL C 23 -13.81 -8.84 -8.53
C VAL C 23 -12.97 -9.27 -9.67
N ASN C 24 -12.71 -8.30 -10.59
CA ASN C 24 -11.78 -8.52 -11.71
C ASN C 24 -10.37 -8.04 -11.32
N ALA C 25 -9.35 -8.84 -11.55
CA ALA C 25 -7.95 -8.38 -11.35
C ALA C 25 -7.59 -7.56 -12.60
N ALA C 26 -7.97 -6.31 -12.54
CA ALA C 26 -8.01 -5.36 -13.68
C ALA C 26 -6.63 -4.73 -13.95
N ASN C 27 -6.54 -4.04 -15.09
CA ASN C 27 -5.38 -3.17 -15.45
C ASN C 27 -5.88 -1.74 -15.41
N PRO C 28 -5.00 -0.73 -15.15
CA PRO C 28 -5.43 0.65 -14.86
C PRO C 28 -6.21 1.43 -15.93
N ARG C 29 -6.13 0.99 -17.19
CA ARG C 29 -6.80 1.63 -18.36
C ARG C 29 -7.88 0.69 -18.93
N GLY C 30 -8.20 -0.41 -18.25
CA GLY C 30 -9.49 -1.08 -18.44
C GLY C 30 -9.56 -1.86 -19.72
N LEU C 31 -8.44 -2.49 -20.12
CA LEU C 31 -8.34 -3.35 -21.33
C LEU C 31 -8.62 -4.80 -20.95
N PRO C 32 -9.06 -5.64 -21.91
CA PRO C 32 -9.21 -7.07 -21.67
C PRO C 32 -8.03 -7.82 -21.01
N GLY C 33 -6.81 -7.26 -21.11
CA GLY C 33 -5.66 -7.70 -20.28
C GLY C 33 -5.41 -9.19 -20.44
N ASP C 34 -5.01 -9.87 -19.35
CA ASP C 34 -4.64 -11.32 -19.39
C ASP C 34 -4.97 -11.98 -18.05
N GLY C 35 -4.93 -13.31 -18.01
CA GLY C 35 -5.28 -14.09 -16.81
C GLY C 35 -6.76 -13.95 -16.49
N VAL C 36 -7.10 -13.62 -15.23
CA VAL C 36 -8.52 -13.48 -14.78
C VAL C 36 -9.17 -12.30 -15.53
N CYS C 37 -8.43 -11.24 -15.85
CA CYS C 37 -8.98 -10.03 -16.54
C CYS C 37 -9.64 -10.41 -17.88
N LYS C 38 -9.11 -11.38 -18.63
CA LYS C 38 -9.50 -11.70 -20.05
C LYS C 38 -10.75 -12.58 -20.12
N ALA C 39 -10.71 -13.76 -19.48
CA ALA C 39 -11.87 -14.66 -19.21
C ALA C 39 -13.06 -13.88 -18.62
N VAL C 40 -12.77 -12.89 -17.79
CA VAL C 40 -13.77 -11.95 -17.24
C VAL C 40 -14.29 -11.07 -18.38
N TYR C 41 -13.40 -10.59 -19.26
CA TYR C 41 -13.79 -9.81 -20.46
C TYR C 41 -14.72 -10.66 -21.32
N LYS C 42 -14.45 -11.95 -21.48
CA LYS C 42 -15.25 -12.83 -22.36
C LYS C 42 -16.64 -13.03 -21.73
N LYS C 43 -16.74 -13.16 -20.40
CA LYS C 43 -18.03 -13.40 -19.69
C LYS C 43 -18.85 -12.11 -19.58
N TRP C 44 -18.21 -10.98 -19.28
CA TRP C 44 -18.90 -9.71 -18.96
C TRP C 44 -18.32 -8.54 -19.74
N PRO C 45 -18.27 -8.61 -21.09
CA PRO C 45 -17.61 -7.56 -21.88
C PRO C 45 -18.21 -6.17 -21.65
N GLU C 46 -19.54 -6.06 -21.43
CA GLU C 46 -20.24 -4.77 -21.17
C GLU C 46 -19.69 -4.03 -19.94
N SER C 47 -19.11 -4.80 -19.00
CA SER C 47 -18.57 -4.23 -17.75
C SER C 47 -17.24 -3.51 -18.02
N PHE C 48 -16.67 -3.60 -19.23
CA PHE C 48 -15.38 -2.93 -19.61
C PHE C 48 -15.62 -1.55 -20.25
N LYS C 49 -16.86 -1.02 -20.14
CA LYS C 49 -17.22 0.38 -20.50
C LYS C 49 -16.78 1.35 -19.40
N ASN C 50 -15.76 2.19 -19.68
CA ASN C 50 -15.30 3.29 -18.80
C ASN C 50 -14.93 2.72 -17.42
N SER C 51 -14.28 1.56 -17.43
CA SER C 51 -13.82 0.84 -16.21
C SER C 51 -12.39 1.23 -15.84
N ALA C 52 -11.66 1.90 -16.76
CA ALA C 52 -10.30 2.40 -16.43
C ALA C 52 -10.33 3.03 -15.04
N THR C 53 -9.35 2.68 -14.21
CA THR C 53 -9.23 3.21 -12.82
C THR C 53 -7.77 3.05 -12.36
N PRO C 54 -7.23 3.97 -11.54
CA PRO C 54 -5.83 3.92 -11.16
C PRO C 54 -5.42 2.71 -10.29
N VAL C 55 -4.13 2.41 -10.33
CA VAL C 55 -3.50 1.44 -9.38
C VAL C 55 -3.87 1.82 -7.96
N GLY C 56 -4.23 0.80 -7.16
CA GLY C 56 -4.67 1.00 -5.78
C GLY C 56 -6.13 1.40 -5.58
N THR C 57 -6.94 1.37 -6.64
CA THR C 57 -8.38 1.70 -6.63
C THR C 57 -9.23 0.54 -7.15
N ALA C 58 -10.54 0.67 -6.95
CA ALA C 58 -11.52 -0.26 -7.54
C ALA C 58 -12.67 0.58 -8.12
N LYS C 59 -13.16 0.17 -9.30
CA LYS C 59 -14.30 0.79 -10.03
C LYS C 59 -15.34 -0.29 -10.36
N THR C 60 -16.61 -0.09 -10.00
CA THR C 60 -17.68 -1.08 -10.31
C THR C 60 -18.40 -0.69 -11.61
N VAL C 61 -18.50 -1.61 -12.55
CA VAL C 61 -19.37 -1.42 -13.75
C VAL C 61 -20.30 -2.62 -13.84
N MET C 62 -21.59 -2.32 -14.07
CA MET C 62 -22.63 -3.35 -14.21
C MET C 62 -22.56 -4.01 -15.60
N CYS C 63 -22.74 -5.31 -15.65
CA CYS C 63 -23.03 -6.10 -16.85
C CYS C 63 -24.48 -6.56 -16.72
N GLY C 64 -25.42 -5.86 -17.34
CA GLY C 64 -26.84 -6.02 -16.95
C GLY C 64 -27.10 -5.44 -15.58
N THR C 65 -27.44 -6.26 -14.58
CA THR C 65 -27.48 -5.85 -13.17
C THR C 65 -26.33 -6.54 -12.36
N TYR C 66 -25.49 -7.33 -13.00
CA TYR C 66 -24.43 -8.12 -12.31
C TYR C 66 -23.19 -7.22 -12.12
N PRO C 67 -22.80 -6.89 -10.86
CA PRO C 67 -21.68 -5.97 -10.65
C PRO C 67 -20.34 -6.66 -10.87
N VAL C 68 -19.49 -5.99 -11.66
CA VAL C 68 -18.07 -6.35 -11.84
C VAL C 68 -17.23 -5.25 -11.21
N ILE C 69 -16.50 -5.61 -10.14
CA ILE C 69 -15.65 -4.65 -9.40
C ILE C 69 -14.23 -4.76 -9.97
N HIS C 70 -13.78 -3.77 -10.77
CA HIS C 70 -12.45 -3.79 -11.40
C HIS C 70 -11.44 -3.24 -10.37
N ALA C 71 -10.65 -4.13 -9.80
CA ALA C 71 -9.68 -3.81 -8.71
C ALA C 71 -8.30 -3.88 -9.32
N VAL C 72 -7.59 -2.74 -9.27
CA VAL C 72 -6.25 -2.63 -9.89
C VAL C 72 -5.18 -2.75 -8.80
N GLY C 73 -4.64 -3.94 -8.64
CA GLY C 73 -3.45 -4.14 -7.80
C GLY C 73 -2.22 -3.70 -8.56
N PRO C 74 -1.11 -3.46 -7.85
CA PRO C 74 0.13 -3.12 -8.52
C PRO C 74 0.74 -4.33 -9.24
N ASN C 75 1.45 -4.03 -10.32
CA ASN C 75 2.29 -5.01 -11.02
C ASN C 75 3.67 -4.93 -10.41
N PHE C 76 4.07 -5.99 -9.69
CA PHE C 76 5.35 -6.02 -8.96
C PHE C 76 6.53 -6.14 -9.92
N SER C 77 6.31 -6.29 -11.23
CA SER C 77 7.43 -6.14 -12.18
C SER C 77 7.93 -4.70 -12.20
N ASN C 78 6.99 -3.79 -11.91
CA ASN C 78 7.10 -2.32 -12.10
C ASN C 78 7.37 -1.67 -10.73
N TYR C 79 6.68 -2.15 -9.70
CA TYR C 79 6.62 -1.48 -8.38
C TYR C 79 7.70 -2.08 -7.50
N THR C 80 8.33 -1.28 -6.67
CA THR C 80 9.17 -1.84 -5.60
C THR C 80 8.34 -2.63 -4.60
N GLU C 81 8.99 -3.43 -3.76
CA GLU C 81 8.26 -4.16 -2.70
C GLU C 81 7.59 -3.15 -1.77
N SER C 82 8.25 -2.07 -1.39
CA SER C 82 7.64 -1.07 -0.49
C SER C 82 6.43 -0.38 -1.10
N GLU C 83 6.57 0.18 -2.30
CA GLU C 83 5.47 0.96 -2.89
C GLU C 83 4.32 0.00 -3.26
N GLY C 84 4.65 -1.17 -3.76
CA GLY C 84 3.63 -2.16 -4.16
C GLY C 84 2.84 -2.64 -2.97
N ASP C 85 3.48 -2.88 -1.83
CA ASP C 85 2.77 -3.37 -0.64
C ASP C 85 1.68 -2.38 -0.29
N ARG C 86 1.96 -1.09 -0.26
CA ARG C 86 0.94 -0.10 0.16
C ARG C 86 -0.19 -0.04 -0.90
N GLU C 87 0.11 -0.11 -2.18
CA GLU C 87 -0.94 -0.03 -3.23
C GLU C 87 -1.80 -1.31 -3.21
N LEU C 88 -1.21 -2.47 -2.92
CA LEU C 88 -1.96 -3.75 -2.85
C LEU C 88 -2.95 -3.67 -1.68
N ALA C 89 -2.53 -3.18 -0.51
CA ALA C 89 -3.43 -2.97 0.64
C ALA C 89 -4.57 -2.03 0.23
N ALA C 90 -4.29 -0.95 -0.50
CA ALA C 90 -5.28 0.08 -0.83
C ALA C 90 -6.30 -0.54 -1.83
N ALA C 91 -5.85 -1.34 -2.78
CA ALA C 91 -6.77 -1.94 -3.81
C ALA C 91 -7.78 -2.80 -3.06
N TYR C 92 -7.33 -3.56 -2.06
CA TYR C 92 -8.27 -4.42 -1.32
C TYR C 92 -9.24 -3.58 -0.48
N ARG C 93 -8.77 -2.48 0.15
N ARG C 93 -8.77 -2.50 0.15
CA ARG C 93 -9.67 -1.60 0.93
CA ARG C 93 -9.67 -1.62 0.93
C ARG C 93 -10.74 -0.99 0.01
C ARG C 93 -10.76 -1.05 0.00
N GLU C 94 -10.39 -0.68 -1.24
CA GLU C 94 -11.40 -0.16 -2.21
C GLU C 94 -12.38 -1.28 -2.57
N VAL C 95 -11.94 -2.52 -2.67
CA VAL C 95 -12.88 -3.66 -2.95
C VAL C 95 -13.89 -3.73 -1.79
N ALA C 96 -13.44 -3.68 -0.54
CA ALA C 96 -14.31 -3.72 0.64
C ALA C 96 -15.33 -2.60 0.59
N LYS C 97 -14.93 -1.39 0.20
CA LYS C 97 -15.86 -0.23 0.06
C LYS C 97 -16.90 -0.53 -1.03
N GLU C 98 -16.45 -1.05 -2.18
CA GLU C 98 -17.38 -1.33 -3.30
C GLU C 98 -18.36 -2.44 -2.94
N VAL C 99 -17.88 -3.52 -2.31
CA VAL C 99 -18.80 -4.61 -1.88
C VAL C 99 -19.85 -4.05 -0.92
N THR C 100 -19.45 -3.21 0.03
CA THR C 100 -20.34 -2.60 1.04
C THR C 100 -21.36 -1.70 0.33
N ARG C 101 -20.91 -0.82 -0.55
CA ARG C 101 -21.76 0.13 -1.30
C ARG C 101 -22.86 -0.66 -2.03
N LEU C 102 -22.52 -1.78 -2.64
CA LEU C 102 -23.48 -2.56 -3.47
C LEU C 102 -24.54 -3.30 -2.62
N GLY C 103 -24.30 -3.56 -1.34
CA GLY C 103 -25.25 -4.26 -0.45
C GLY C 103 -25.34 -5.75 -0.72
N VAL C 104 -24.37 -6.30 -1.45
CA VAL C 104 -24.36 -7.74 -1.85
C VAL C 104 -24.12 -8.60 -0.61
N ASN C 105 -24.61 -9.84 -0.64
CA ASN C 105 -24.42 -10.81 0.47
C ASN C 105 -23.25 -11.74 0.18
N SER C 106 -22.65 -11.70 -1.02
CA SER C 106 -21.52 -12.55 -1.38
C SER C 106 -20.73 -11.90 -2.51
N VAL C 107 -19.46 -12.27 -2.60
CA VAL C 107 -18.49 -11.75 -3.59
C VAL C 107 -17.49 -12.85 -3.95
N ALA C 108 -17.19 -13.03 -5.24
CA ALA C 108 -16.14 -13.88 -5.78
C ALA C 108 -14.90 -13.02 -6.01
N ILE C 109 -13.78 -13.39 -5.36
N ILE C 109 -13.75 -13.46 -5.50
CA ILE C 109 -12.50 -12.61 -5.39
CA ILE C 109 -12.53 -12.59 -5.50
C ILE C 109 -11.35 -13.51 -5.85
C ILE C 109 -11.31 -13.44 -5.77
N PRO C 110 -10.40 -12.96 -6.65
CA PRO C 110 -9.11 -13.61 -6.90
C PRO C 110 -8.06 -12.97 -5.98
N LEU C 111 -6.89 -13.60 -5.86
CA LEU C 111 -5.78 -12.95 -5.10
C LEU C 111 -5.10 -11.91 -6.01
N LEU C 112 -5.28 -10.66 -5.67
CA LEU C 112 -4.69 -9.55 -6.46
C LEU C 112 -3.17 -9.60 -6.43
N SER C 113 -2.54 -9.19 -7.53
CA SER C 113 -1.08 -9.03 -7.69
C SER C 113 -0.34 -10.39 -7.61
N THR C 114 -1.03 -11.47 -7.93
CA THR C 114 -0.40 -12.77 -8.19
C THR C 114 -0.39 -12.96 -9.71
N GLY C 115 0.10 -14.11 -10.15
CA GLY C 115 0.28 -14.43 -11.58
C GLY C 115 1.02 -13.33 -12.31
N VAL C 116 0.35 -12.74 -13.32
CA VAL C 116 0.93 -11.81 -14.33
C VAL C 116 1.49 -10.55 -13.65
N TYR C 117 0.97 -10.19 -12.46
CA TYR C 117 1.38 -8.99 -11.67
C TYR C 117 2.29 -9.39 -10.50
N SER C 118 2.73 -10.65 -10.41
CA SER C 118 3.53 -11.12 -9.24
C SER C 118 4.99 -10.67 -9.31
N GLY C 119 5.47 -10.20 -10.45
CA GLY C 119 6.91 -9.96 -10.63
C GLY C 119 7.74 -11.20 -10.39
N GLY C 120 7.16 -12.39 -10.60
CA GLY C 120 7.85 -13.69 -10.47
C GLY C 120 8.13 -14.13 -9.03
N LYS C 121 7.40 -13.60 -8.03
CA LYS C 121 7.54 -14.03 -6.61
C LYS C 121 6.23 -14.67 -6.19
N ASP C 122 6.27 -15.63 -5.26
CA ASP C 122 5.04 -16.21 -4.68
C ASP C 122 4.48 -15.20 -3.66
N ARG C 123 3.28 -14.68 -3.94
CA ARG C 123 2.63 -13.62 -3.10
C ARG C 123 1.33 -14.12 -2.47
N LEU C 124 1.11 -15.43 -2.34
CA LEU C 124 -0.12 -15.95 -1.70
C LEU C 124 -0.32 -15.32 -0.32
N THR C 125 0.63 -15.48 0.60
CA THR C 125 0.46 -15.00 1.99
C THR C 125 0.26 -13.48 1.99
N GLN C 126 1.09 -12.74 1.24
CA GLN C 126 0.99 -11.26 1.19
C GLN C 126 -0.42 -10.84 0.73
N SER C 127 -0.82 -11.36 -0.41
CA SER C 127 -2.11 -10.98 -1.02
C SER C 127 -3.26 -11.38 -0.10
N LEU C 128 -3.24 -12.60 0.44
CA LEU C 128 -4.33 -13.07 1.32
C LEU C 128 -4.37 -12.29 2.62
N ASN C 129 -3.22 -11.90 3.22
CA ASN C 129 -3.21 -11.06 4.43
C ASN C 129 -3.90 -9.72 4.14
N HIS C 130 -3.59 -9.08 3.01
CA HIS C 130 -4.24 -7.81 2.66
C HIS C 130 -5.74 -8.02 2.43
N LEU C 131 -6.12 -9.14 1.82
CA LEU C 131 -7.57 -9.44 1.58
C LEU C 131 -8.34 -9.53 2.89
N PHE C 132 -7.77 -10.25 3.87
CA PHE C 132 -8.39 -10.36 5.21
C PHE C 132 -8.42 -9.00 5.90
N THR C 133 -7.35 -8.20 5.86
CA THR C 133 -7.29 -6.89 6.53
C THR C 133 -8.47 -6.05 6.03
N ALA C 134 -8.78 -6.12 4.73
CA ALA C 134 -9.84 -5.28 4.15
C ALA C 134 -11.22 -5.88 4.38
N MET C 135 -11.36 -7.18 4.22
CA MET C 135 -12.70 -7.83 4.14
C MET C 135 -13.19 -8.30 5.51
N ASP C 136 -12.34 -8.39 6.53
CA ASP C 136 -12.78 -8.92 7.82
C ASP C 136 -13.90 -8.05 8.37
N SER C 137 -13.94 -6.73 8.11
CA SER C 137 -14.99 -5.85 8.69
C SER C 137 -16.26 -5.84 7.85
N THR C 138 -16.27 -6.55 6.73
CA THR C 138 -17.49 -6.69 5.88
C THR C 138 -18.30 -7.92 6.29
N ASP C 139 -19.60 -7.93 5.95
CA ASP C 139 -20.52 -9.04 6.33
C ASP C 139 -20.90 -9.87 5.10
N ALA C 140 -20.23 -9.68 3.97
CA ALA C 140 -20.46 -10.51 2.80
C ALA C 140 -19.81 -11.88 2.98
N ASP C 141 -20.43 -12.94 2.46
CA ASP C 141 -19.71 -14.20 2.20
C ASP C 141 -18.62 -13.94 1.16
N VAL C 142 -17.39 -14.28 1.44
CA VAL C 142 -16.27 -14.10 0.50
C VAL C 142 -15.88 -15.46 -0.02
N VAL C 143 -15.82 -15.64 -1.32
CA VAL C 143 -15.38 -16.85 -1.98
C VAL C 143 -14.13 -16.54 -2.80
N ILE C 144 -12.98 -17.11 -2.44
CA ILE C 144 -11.69 -16.89 -3.15
C ILE C 144 -11.56 -17.94 -4.23
N TYR C 145 -11.22 -17.51 -5.45
CA TYR C 145 -11.04 -18.42 -6.61
C TYR C 145 -9.57 -18.53 -6.93
N CYS C 146 -9.10 -19.75 -7.15
CA CYS C 146 -7.71 -20.01 -7.60
C CYS C 146 -7.72 -21.12 -8.65
N ARG C 147 -6.57 -21.38 -9.27
CA ARG C 147 -6.40 -22.45 -10.30
C ARG C 147 -5.43 -23.56 -9.87
N ASP C 148 -4.55 -23.25 -8.91
CA ASP C 148 -3.39 -24.10 -8.51
C ASP C 148 -3.82 -24.97 -7.33
N LYS C 149 -3.49 -26.26 -7.39
CA LYS C 149 -3.86 -27.25 -6.33
C LYS C 149 -3.15 -26.93 -5.00
N GLU C 150 -1.88 -26.57 -5.01
CA GLU C 150 -1.13 -26.24 -3.76
C GLU C 150 -1.65 -24.91 -3.20
N TRP C 151 -1.95 -23.92 -4.05
CA TRP C 151 -2.54 -22.64 -3.58
C TRP C 151 -3.88 -22.91 -2.88
N GLU C 152 -4.71 -23.76 -3.44
CA GLU C 152 -6.03 -24.10 -2.83
C GLU C 152 -5.83 -24.61 -1.40
N LYS C 153 -4.90 -25.56 -1.24
CA LYS C 153 -4.52 -26.18 0.06
C LYS C 153 -4.13 -25.10 1.08
N LYS C 154 -3.16 -24.24 0.73
CA LYS C 154 -2.60 -23.23 1.65
C LYS C 154 -3.67 -22.16 1.94
N ILE C 155 -4.45 -21.74 0.95
CA ILE C 155 -5.53 -20.75 1.25
C ILE C 155 -6.54 -21.38 2.22
N SER C 156 -6.93 -22.62 1.94
CA SER C 156 -7.88 -23.35 2.83
C SER C 156 -7.34 -23.40 4.26
N GLU C 157 -6.06 -23.73 4.43
CA GLU C 157 -5.42 -23.86 5.78
C GLU C 157 -5.41 -22.49 6.48
N ALA C 158 -5.12 -21.40 5.76
CA ALA C 158 -5.14 -20.05 6.32
C ALA C 158 -6.53 -19.67 6.85
N ILE C 159 -7.57 -20.01 6.10
CA ILE C 159 -8.96 -19.68 6.49
C ILE C 159 -9.25 -20.49 7.76
N GLN C 160 -8.98 -21.79 7.71
CA GLN C 160 -9.36 -22.70 8.82
C GLN C 160 -8.61 -22.30 10.09
N MET C 161 -7.39 -21.79 9.99
CA MET C 161 -6.55 -21.46 11.18
C MET C 161 -7.24 -20.41 12.06
N ARG C 162 -8.18 -19.60 11.54
CA ARG C 162 -8.75 -18.46 12.30
C ARG C 162 -10.12 -18.81 12.90
N THR C 163 -10.69 -19.96 12.56
CA THR C 163 -12.07 -20.36 12.94
C THR C 163 -12.05 -21.19 14.23
N PRO D 5 -32.71 5.87 32.31
CA PRO D 5 -31.97 4.63 32.59
C PRO D 5 -30.54 4.94 33.04
N SER D 6 -30.41 5.39 34.29
N SER D 6 -30.40 5.36 34.32
CA SER D 6 -29.14 5.87 34.93
CA SER D 6 -29.14 5.90 34.92
C SER D 6 -27.97 5.62 33.97
C SER D 6 -27.96 5.63 34.01
N TYR D 7 -27.26 6.69 33.59
CA TYR D 7 -26.01 6.60 32.82
C TYR D 7 -24.82 7.02 33.66
N ARG D 8 -23.74 6.23 33.56
CA ARG D 8 -22.42 6.51 34.16
C ARG D 8 -21.33 6.24 33.11
N VAL D 9 -20.13 6.79 33.32
CA VAL D 9 -18.96 6.52 32.46
C VAL D 9 -17.81 6.12 33.37
N LYS D 10 -17.07 5.12 32.93
CA LYS D 10 -15.84 4.65 33.58
C LYS D 10 -14.73 4.63 32.54
N ARG D 11 -13.55 5.07 32.95
CA ARG D 11 -12.28 4.99 32.18
C ARG D 11 -11.54 3.76 32.65
N MET D 12 -11.86 2.61 32.04
CA MET D 12 -11.25 1.32 32.42
C MET D 12 -11.59 0.30 31.35
N ASP D 13 -10.88 -0.82 31.39
CA ASP D 13 -11.06 -1.99 30.50
C ASP D 13 -12.47 -2.56 30.74
N ILE D 14 -13.31 -2.56 29.71
CA ILE D 14 -14.68 -3.13 29.79
C ILE D 14 -14.63 -4.61 30.17
N ALA D 15 -13.51 -5.26 29.93
CA ALA D 15 -13.31 -6.70 30.29
C ALA D 15 -13.32 -6.84 31.83
N LYS D 16 -13.24 -5.74 32.58
CA LYS D 16 -13.23 -5.75 34.07
C LYS D 16 -14.48 -5.05 34.61
N ASN D 17 -15.56 -4.98 33.84
CA ASN D 17 -16.79 -4.26 34.20
C ASN D 17 -17.45 -4.86 35.46
N ASP D 18 -18.28 -4.07 36.12
CA ASP D 18 -19.01 -4.45 37.36
C ASP D 18 -20.49 -4.53 37.06
N GLU D 19 -20.90 -4.89 35.84
CA GLU D 19 -22.31 -4.93 35.44
C GLU D 19 -22.75 -6.38 35.15
N GLU D 20 -24.05 -6.59 34.97
CA GLU D 20 -24.65 -7.95 34.82
C GLU D 20 -24.43 -8.52 33.42
N CYS D 21 -24.00 -7.71 32.45
CA CYS D 21 -23.75 -8.21 31.10
C CYS D 21 -22.89 -7.20 30.35
N VAL D 22 -22.31 -7.62 29.25
CA VAL D 22 -21.38 -6.75 28.50
C VAL D 22 -21.82 -6.71 27.05
N VAL D 23 -21.57 -5.56 26.44
CA VAL D 23 -21.68 -5.40 24.97
C VAL D 23 -20.26 -5.42 24.37
N ASN D 24 -20.05 -6.33 23.44
CA ASN D 24 -18.81 -6.42 22.67
C ASN D 24 -18.89 -5.54 21.43
N ALA D 25 -17.87 -4.70 21.18
CA ALA D 25 -17.77 -4.04 19.86
C ALA D 25 -17.20 -5.02 18.86
N ALA D 26 -18.09 -5.82 18.29
CA ALA D 26 -17.70 -7.04 17.55
C ALA D 26 -17.46 -6.78 16.05
N ASN D 27 -16.83 -7.74 15.41
CA ASN D 27 -16.75 -7.74 13.93
C ASN D 27 -17.81 -8.71 13.44
N PRO D 28 -18.18 -8.64 12.16
CA PRO D 28 -19.24 -9.49 11.65
C PRO D 28 -18.93 -10.98 11.56
N ARG D 29 -17.66 -11.33 11.64
CA ARG D 29 -17.18 -12.72 11.40
C ARG D 29 -16.99 -13.47 12.72
N GLY D 30 -17.17 -12.84 13.86
CA GLY D 30 -16.88 -13.47 15.15
C GLY D 30 -15.40 -13.73 15.35
N LEU D 31 -14.51 -12.95 14.75
CA LEU D 31 -13.06 -13.08 14.96
C LEU D 31 -12.64 -12.36 16.25
N PRO D 32 -11.52 -12.80 16.87
CA PRO D 32 -10.98 -12.14 18.06
C PRO D 32 -10.73 -10.64 17.87
N GLY D 33 -10.26 -10.22 16.68
CA GLY D 33 -10.04 -8.79 16.38
C GLY D 33 -8.94 -8.15 17.22
N ASP D 34 -9.11 -6.87 17.55
CA ASP D 34 -8.21 -6.04 18.38
C ASP D 34 -9.06 -5.04 19.20
N GLY D 35 -8.43 -4.28 20.11
CA GLY D 35 -9.17 -3.31 20.93
C GLY D 35 -10.13 -4.00 21.90
N VAL D 36 -11.31 -3.40 22.09
CA VAL D 36 -12.40 -3.96 22.96
C VAL D 36 -12.59 -5.43 22.58
N CYS D 37 -12.73 -5.73 21.30
CA CYS D 37 -13.05 -7.10 20.82
C CYS D 37 -11.98 -8.08 21.31
N LYS D 38 -10.69 -7.71 21.28
CA LYS D 38 -9.61 -8.66 21.70
C LYS D 38 -9.67 -8.89 23.23
N ALA D 39 -9.93 -7.84 23.99
CA ALA D 39 -10.02 -7.94 25.46
C ALA D 39 -11.20 -8.84 25.83
N VAL D 40 -12.31 -8.70 25.11
CA VAL D 40 -13.57 -9.46 25.33
C VAL D 40 -13.23 -10.91 25.00
N TYR D 41 -12.50 -11.17 23.90
CA TYR D 41 -12.10 -12.54 23.51
C TYR D 41 -11.24 -13.20 24.60
N LYS D 42 -10.29 -12.45 25.17
CA LYS D 42 -9.40 -13.01 26.21
C LYS D 42 -10.20 -13.32 27.48
N LYS D 43 -11.21 -12.50 27.81
CA LYS D 43 -12.00 -12.65 29.07
C LYS D 43 -13.12 -13.70 28.94
N TRP D 44 -13.84 -13.75 27.83
CA TRP D 44 -15.04 -14.59 27.63
C TRP D 44 -14.90 -15.31 26.29
N PRO D 45 -13.82 -16.09 26.03
CA PRO D 45 -13.68 -16.70 24.71
C PRO D 45 -14.81 -17.66 24.34
N GLU D 46 -15.49 -18.29 25.33
CA GLU D 46 -16.57 -19.24 25.04
C GLU D 46 -17.73 -18.49 24.37
N SER D 47 -17.82 -17.16 24.59
CA SER D 47 -18.92 -16.36 24.02
C SER D 47 -18.75 -16.13 22.51
N PHE D 48 -17.66 -16.60 21.91
CA PHE D 48 -17.44 -16.43 20.45
C PHE D 48 -17.92 -17.67 19.64
N LYS D 49 -18.54 -18.65 20.31
CA LYS D 49 -19.18 -19.80 19.62
C LYS D 49 -20.37 -19.30 18.80
N ASN D 50 -20.23 -19.31 17.46
CA ASN D 50 -21.31 -18.85 16.57
C ASN D 50 -21.77 -17.44 16.92
N SER D 51 -20.81 -16.54 17.16
CA SER D 51 -21.09 -15.10 17.44
C SER D 51 -21.26 -14.30 16.14
N ALA D 52 -20.78 -14.82 14.99
CA ALA D 52 -20.84 -14.10 13.69
C ALA D 52 -22.26 -13.60 13.48
N THR D 53 -22.43 -12.34 13.03
CA THR D 53 -23.75 -11.72 12.83
C THR D 53 -23.56 -10.49 11.94
N PRO D 54 -24.57 -10.09 11.16
CA PRO D 54 -24.32 -9.01 10.20
C PRO D 54 -24.15 -7.64 10.87
N VAL D 55 -23.60 -6.72 10.08
CA VAL D 55 -23.54 -5.29 10.50
C VAL D 55 -24.92 -4.80 10.87
N GLY D 56 -25.03 -3.98 11.91
CA GLY D 56 -26.31 -3.42 12.35
C GLY D 56 -27.11 -4.34 13.26
N THR D 57 -26.56 -5.51 13.64
CA THR D 57 -27.26 -6.50 14.48
C THR D 57 -26.50 -6.77 15.78
N ALA D 58 -27.21 -7.40 16.71
CA ALA D 58 -26.59 -7.84 17.98
C ALA D 58 -26.97 -9.30 18.20
N LYS D 59 -26.01 -10.09 18.66
CA LYS D 59 -26.19 -11.54 18.93
C LYS D 59 -25.63 -11.84 20.31
N THR D 60 -26.46 -12.39 21.21
CA THR D 60 -26.06 -12.67 22.61
C THR D 60 -25.62 -14.13 22.70
N VAL D 61 -24.45 -14.33 23.26
CA VAL D 61 -23.89 -15.67 23.54
C VAL D 61 -23.43 -15.66 24.99
N MET D 62 -23.85 -16.65 25.78
N MET D 62 -23.81 -16.68 25.74
CA MET D 62 -23.52 -16.75 27.22
CA MET D 62 -23.48 -16.83 27.18
C MET D 62 -22.12 -17.37 27.40
C MET D 62 -22.04 -17.34 27.34
N CYS D 63 -21.32 -16.81 28.32
CA CYS D 63 -20.06 -17.38 28.82
C CYS D 63 -20.38 -17.82 30.25
N GLY D 64 -20.60 -19.12 30.47
CA GLY D 64 -21.22 -19.57 31.73
C GLY D 64 -22.65 -19.05 31.78
N THR D 65 -22.98 -18.19 32.74
CA THR D 65 -24.29 -17.54 32.80
C THR D 65 -24.13 -16.03 32.50
N TYR D 66 -22.94 -15.60 32.13
CA TYR D 66 -22.68 -14.16 31.90
C TYR D 66 -22.95 -13.83 30.42
N PRO D 67 -23.92 -12.94 30.11
CA PRO D 67 -24.26 -12.64 28.72
C PRO D 67 -23.30 -11.65 28.05
N VAL D 68 -22.86 -12.04 26.86
CA VAL D 68 -21.99 -11.19 25.99
C VAL D 68 -22.84 -10.87 24.77
N ILE D 69 -23.22 -9.59 24.62
CA ILE D 69 -24.06 -9.09 23.52
C ILE D 69 -23.11 -8.61 22.43
N HIS D 70 -22.88 -9.38 21.38
CA HIS D 70 -21.94 -9.01 20.30
C HIS D 70 -22.67 -8.06 19.35
N ALA D 71 -22.28 -6.79 19.36
CA ALA D 71 -22.97 -5.75 18.56
C ALA D 71 -22.03 -5.28 17.46
N VAL D 72 -22.49 -5.38 16.21
CA VAL D 72 -21.62 -5.07 15.05
C VAL D 72 -21.97 -3.68 14.52
N GLY D 73 -21.20 -2.70 14.93
CA GLY D 73 -21.28 -1.36 14.31
C GLY D 73 -20.64 -1.38 12.95
N PRO D 74 -20.98 -0.41 12.08
CA PRO D 74 -20.36 -0.31 10.77
C PRO D 74 -18.93 0.21 10.81
N ASN D 75 -18.12 -0.27 9.88
CA ASN D 75 -16.78 0.30 9.62
C ASN D 75 -16.97 1.47 8.67
N PHE D 76 -16.77 2.70 9.16
CA PHE D 76 -16.88 3.89 8.28
C PHE D 76 -15.78 4.00 7.23
N SER D 77 -14.75 3.17 7.22
CA SER D 77 -13.88 3.01 6.04
C SER D 77 -14.64 2.40 4.88
N ASN D 78 -15.69 1.60 5.14
CA ASN D 78 -16.40 0.85 4.07
C ASN D 78 -17.74 1.53 3.71
N TYR D 79 -18.43 2.09 4.70
CA TYR D 79 -19.80 2.64 4.56
C TYR D 79 -19.70 4.15 4.26
N THR D 80 -20.65 4.67 3.49
CA THR D 80 -20.85 6.14 3.42
C THR D 80 -21.29 6.67 4.77
N GLU D 81 -21.14 8.00 4.99
CA GLU D 81 -21.67 8.60 6.23
C GLU D 81 -23.17 8.30 6.39
N SER D 82 -23.95 8.41 5.31
CA SER D 82 -25.42 8.21 5.32
C SER D 82 -25.75 6.75 5.70
N GLU D 83 -25.14 5.78 5.01
CA GLU D 83 -25.58 4.36 5.23
C GLU D 83 -25.04 3.89 6.58
N GLY D 84 -23.83 4.34 6.92
CA GLY D 84 -23.18 3.99 8.20
C GLY D 84 -23.97 4.54 9.36
N ASP D 85 -24.49 5.77 9.27
CA ASP D 85 -25.31 6.33 10.36
C ASP D 85 -26.53 5.43 10.64
N ARG D 86 -27.20 4.92 9.61
CA ARG D 86 -28.38 4.04 9.73
C ARG D 86 -27.93 2.76 10.45
N GLU D 87 -26.79 2.20 10.09
CA GLU D 87 -26.35 0.87 10.62
C GLU D 87 -25.90 1.07 12.07
N LEU D 88 -25.36 2.22 12.41
CA LEU D 88 -24.91 2.47 13.80
C LEU D 88 -26.15 2.60 14.69
N ALA D 89 -27.17 3.32 14.25
CA ALA D 89 -28.44 3.43 14.99
C ALA D 89 -29.02 2.02 15.23
N ALA D 90 -28.99 1.18 14.17
CA ALA D 90 -29.57 -0.18 14.13
C ALA D 90 -28.83 -1.06 15.15
N ALA D 91 -27.51 -1.02 15.17
CA ALA D 91 -26.72 -1.85 16.13
C ALA D 91 -27.15 -1.51 17.56
N TYR D 92 -27.28 -0.24 17.90
CA TYR D 92 -27.67 0.15 19.27
C TYR D 92 -29.11 -0.24 19.57
N ARG D 93 -30.02 -0.08 18.60
CA ARG D 93 -31.44 -0.52 18.70
C ARG D 93 -31.49 -2.00 19.10
N GLU D 94 -30.69 -2.84 18.43
CA GLU D 94 -30.65 -4.31 18.66
C GLU D 94 -30.05 -4.62 20.03
N VAL D 95 -29.01 -3.89 20.45
CA VAL D 95 -28.47 -3.98 21.85
C VAL D 95 -29.61 -3.75 22.85
N ALA D 96 -30.33 -2.63 22.75
CA ALA D 96 -31.44 -2.28 23.68
C ALA D 96 -32.45 -3.43 23.76
N LYS D 97 -32.81 -4.03 22.62
CA LYS D 97 -33.83 -5.12 22.54
C LYS D 97 -33.30 -6.38 23.26
N GLU D 98 -31.98 -6.61 23.21
CA GLU D 98 -31.36 -7.75 23.96
C GLU D 98 -31.30 -7.45 25.45
N VAL D 99 -30.91 -6.24 25.83
CA VAL D 99 -30.86 -5.85 27.26
C VAL D 99 -32.25 -6.08 27.86
N THR D 100 -33.31 -5.67 27.16
CA THR D 100 -34.70 -5.77 27.70
C THR D 100 -35.04 -7.25 27.80
N ARG D 101 -34.78 -8.00 26.75
CA ARG D 101 -35.15 -9.44 26.68
C ARG D 101 -34.45 -10.22 27.79
N LEU D 102 -33.19 -9.91 28.11
CA LEU D 102 -32.41 -10.62 29.13
C LEU D 102 -32.90 -10.26 30.54
N GLY D 103 -33.61 -9.13 30.71
CA GLY D 103 -34.11 -8.63 32.00
C GLY D 103 -33.01 -8.28 33.01
N VAL D 104 -31.80 -7.99 32.57
CA VAL D 104 -30.70 -7.53 33.45
C VAL D 104 -31.01 -6.18 34.10
N ASN D 105 -30.32 -5.91 35.21
CA ASN D 105 -30.42 -4.63 35.94
C ASN D 105 -29.38 -3.64 35.40
N SER D 106 -28.30 -4.12 34.80
CA SER D 106 -27.17 -3.25 34.40
C SER D 106 -26.46 -3.84 33.18
N VAL D 107 -25.83 -2.96 32.40
CA VAL D 107 -25.09 -3.34 31.17
C VAL D 107 -23.88 -2.44 31.03
N ALA D 108 -22.72 -3.01 30.70
CA ALA D 108 -21.47 -2.35 30.32
C ALA D 108 -21.44 -2.22 28.80
N ILE D 109 -21.22 -1.01 28.28
N ILE D 109 -21.27 -0.99 28.31
CA ILE D 109 -21.35 -0.74 26.82
CA ILE D 109 -21.33 -0.66 26.86
C ILE D 109 -20.22 0.18 26.38
C ILE D 109 -20.09 0.15 26.45
N PRO D 110 -19.49 -0.16 25.29
CA PRO D 110 -18.48 0.70 24.71
C PRO D 110 -19.12 1.58 23.63
N LEU D 111 -18.38 2.59 23.14
CA LEU D 111 -18.92 3.44 22.04
C LEU D 111 -18.63 2.77 20.70
N LEU D 112 -19.67 2.19 20.09
CA LEU D 112 -19.53 1.48 18.81
C LEU D 112 -18.98 2.40 17.70
N SER D 113 -18.14 1.85 16.84
CA SER D 113 -17.65 2.50 15.58
C SER D 113 -16.72 3.69 15.90
N THR D 114 -16.10 3.74 17.09
CA THR D 114 -15.24 4.90 17.50
C THR D 114 -13.72 4.69 17.51
N GLY D 115 -13.25 3.50 17.24
CA GLY D 115 -11.81 3.20 17.12
C GLY D 115 -11.43 2.84 15.69
N VAL D 116 -10.99 1.61 15.43
CA VAL D 116 -10.54 1.23 14.06
C VAL D 116 -11.74 1.19 13.09
N TYR D 117 -12.99 1.29 13.55
CA TYR D 117 -14.15 1.42 12.61
C TYR D 117 -14.55 2.88 12.38
N SER D 118 -13.78 3.85 12.89
CA SER D 118 -14.17 5.29 12.79
C SER D 118 -13.87 5.91 11.44
N GLY D 119 -13.12 5.23 10.55
CA GLY D 119 -12.73 5.81 9.26
C GLY D 119 -11.85 7.04 9.49
N GLY D 120 -11.16 7.12 10.63
CA GLY D 120 -10.19 8.18 10.98
C GLY D 120 -10.85 9.47 11.45
N LYS D 121 -12.12 9.44 11.85
CA LYS D 121 -12.92 10.60 12.29
C LYS D 121 -13.28 10.44 13.76
N ASP D 122 -13.42 11.57 14.47
CA ASP D 122 -13.88 11.60 15.90
C ASP D 122 -15.38 11.38 15.87
N ARG D 123 -15.86 10.22 16.35
CA ARG D 123 -17.30 9.89 16.37
C ARG D 123 -17.86 9.76 17.78
N LEU D 124 -17.21 10.38 18.76
CA LEU D 124 -17.73 10.32 20.16
C LEU D 124 -19.17 10.81 20.21
N THR D 125 -19.48 12.03 19.70
CA THR D 125 -20.84 12.61 19.79
C THR D 125 -21.87 11.76 19.05
N GLN D 126 -21.54 11.36 17.83
CA GLN D 126 -22.41 10.56 16.94
C GLN D 126 -22.76 9.23 17.65
N SER D 127 -21.72 8.53 18.09
CA SER D 127 -21.92 7.19 18.71
C SER D 127 -22.73 7.30 20.03
N LEU D 128 -22.37 8.26 20.89
CA LEU D 128 -23.08 8.51 22.15
C LEU D 128 -24.53 8.91 21.90
N ASN D 129 -24.80 9.71 20.85
CA ASN D 129 -26.20 10.12 20.58
C ASN D 129 -27.06 8.89 20.23
N HIS D 130 -26.57 7.98 19.40
CA HIS D 130 -27.31 6.75 19.05
C HIS D 130 -27.47 5.87 20.31
N LEU D 131 -26.42 5.78 21.13
CA LEU D 131 -26.47 5.00 22.41
C LEU D 131 -27.63 5.51 23.28
N PHE D 132 -27.66 6.82 23.57
CA PHE D 132 -28.74 7.39 24.40
C PHE D 132 -30.12 7.11 23.76
N THR D 133 -30.26 7.29 22.45
CA THR D 133 -31.57 7.15 21.78
C THR D 133 -32.09 5.74 22.01
N ALA D 134 -31.22 4.75 21.84
CA ALA D 134 -31.61 3.33 21.94
C ALA D 134 -31.84 2.99 23.42
N MET D 135 -30.91 3.34 24.29
CA MET D 135 -30.88 2.79 25.68
C MET D 135 -31.93 3.52 26.52
N ASP D 136 -32.39 4.69 26.07
CA ASP D 136 -33.45 5.42 26.82
C ASP D 136 -34.71 4.55 26.86
N SER D 137 -34.88 3.58 25.96
CA SER D 137 -36.09 2.73 25.88
C SER D 137 -36.02 1.58 26.88
N THR D 138 -34.90 1.40 27.59
CA THR D 138 -34.72 0.36 28.65
C THR D 138 -34.85 0.98 30.04
N ASP D 139 -34.81 0.13 31.08
CA ASP D 139 -34.83 0.56 32.51
C ASP D 139 -33.50 0.22 33.19
N ALA D 140 -32.50 -0.24 32.44
CA ALA D 140 -31.22 -0.73 32.99
C ALA D 140 -30.31 0.43 33.35
N ASP D 141 -29.49 0.24 34.39
CA ASP D 141 -28.29 1.07 34.63
C ASP D 141 -27.30 0.80 33.51
N VAL D 142 -26.88 1.86 32.83
CA VAL D 142 -25.96 1.77 31.67
C VAL D 142 -24.65 2.38 32.12
N VAL D 143 -23.58 1.62 31.98
CA VAL D 143 -22.22 2.08 32.26
C VAL D 143 -21.40 2.05 30.95
N ILE D 144 -21.02 3.23 30.51
CA ILE D 144 -20.23 3.45 29.28
C ILE D 144 -18.76 3.36 29.63
N TYR D 145 -17.99 2.57 28.87
CA TYR D 145 -16.55 2.33 29.08
C TYR D 145 -15.75 3.01 27.98
N CYS D 146 -14.69 3.74 28.35
CA CYS D 146 -13.73 4.40 27.45
C CYS D 146 -12.31 4.30 28.01
N ARG D 147 -11.29 4.65 27.25
CA ARG D 147 -9.88 4.52 27.71
C ARG D 147 -9.19 5.88 27.73
N ASP D 148 -9.79 6.92 27.15
CA ASP D 148 -9.17 8.26 27.00
C ASP D 148 -9.74 9.26 28.03
N LYS D 149 -8.89 10.09 28.66
CA LYS D 149 -9.33 11.04 29.72
C LYS D 149 -10.20 12.14 29.12
N GLU D 150 -9.83 12.65 27.94
CA GLU D 150 -10.64 13.71 27.28
C GLU D 150 -12.02 13.14 26.90
N TRP D 151 -12.05 11.90 26.41
CA TRP D 151 -13.33 11.21 26.06
C TRP D 151 -14.12 10.98 27.35
N GLU D 152 -13.47 10.54 28.42
CA GLU D 152 -14.15 10.39 29.73
C GLU D 152 -14.87 11.69 30.11
N LYS D 153 -14.16 12.81 30.09
CA LYS D 153 -14.72 14.14 30.49
C LYS D 153 -15.90 14.48 29.58
N LYS D 154 -15.72 14.33 28.28
CA LYS D 154 -16.72 14.70 27.23
C LYS D 154 -17.98 13.84 27.40
N ILE D 155 -17.83 12.53 27.64
CA ILE D 155 -18.98 11.61 27.86
C ILE D 155 -19.71 12.03 29.15
N SER D 156 -18.97 12.27 30.23
CA SER D 156 -19.55 12.68 31.54
C SER D 156 -20.36 13.98 31.39
N GLU D 157 -19.84 14.97 30.64
CA GLU D 157 -20.56 16.24 30.39
C GLU D 157 -21.83 15.96 29.61
N ALA D 158 -21.80 15.07 28.62
CA ALA D 158 -23.01 14.76 27.83
C ALA D 158 -24.07 14.14 28.74
N ILE D 159 -23.63 13.29 29.67
CA ILE D 159 -24.56 12.63 30.63
C ILE D 159 -25.20 13.73 31.49
N GLN D 160 -24.37 14.60 32.08
CA GLN D 160 -24.84 15.66 33.04
C GLN D 160 -25.75 16.64 32.30
N MET D 161 -25.51 16.91 31.02
CA MET D 161 -26.32 17.86 30.22
C MET D 161 -27.75 17.37 29.93
N ARG D 162 -28.04 16.05 29.98
CA ARG D 162 -29.39 15.51 29.66
C ARG D 162 -30.32 15.61 30.87
N THR D 163 -29.78 15.83 32.07
CA THR D 163 -30.54 15.83 33.35
C THR D 163 -31.12 17.25 33.57
S DMS E . 3.85 8.09 1.49
O DMS E . 3.62 6.95 2.50
C1 DMS E . 5.56 8.30 1.36
C2 DMS E . 3.45 9.62 2.35
S DMS F . 18.29 10.09 14.16
O DMS F . 16.98 10.22 14.95
C1 DMS F . 19.15 8.66 14.79
C2 DMS F . 19.35 11.26 14.87
C TRS G . 22.76 -3.10 25.26
C1 TRS G . 23.21 -3.85 24.01
C2 TRS G . 21.24 -3.03 25.36
C3 TRS G . 23.34 -3.74 26.52
N TRS G . 23.25 -1.68 25.15
O1 TRS G . 24.62 -3.76 23.81
O2 TRS G . 20.66 -4.26 25.76
O3 TRS G . 23.36 -2.86 27.63
S DMS H . 7.75 -8.65 13.39
O DMS H . 8.76 -9.21 12.39
C1 DMS H . 7.74 -6.91 13.19
C2 DMS H . 8.54 -8.70 14.98
S DMS I . 28.65 -0.38 -5.79
O DMS I . 27.41 -1.00 -6.33
C1 DMS I . 29.13 0.85 -7.02
C2 DMS I . 30.00 -1.52 -5.94
CL CL J . 26.39 9.93 3.31
CL CL K . 16.75 10.72 -4.00
N1 A1AP4 L . 29.55 14.00 6.93
C4 A1AP4 L . 30.77 13.09 8.89
C5 A1AP4 L . 31.53 14.39 9.05
C6 A1AP4 L . 31.34 15.03 10.43
C7 A1AP4 L . 32.08 16.36 10.55
C8 A1AP4 L . 33.57 16.19 10.25
C10 A1AP4 L . 33.03 14.20 8.82
N A1AP4 L . 28.43 11.49 6.73
C A1AP4 L . 28.79 11.85 7.97
O A1AP4 L . 28.61 11.11 8.94
C1 A1AP4 L . 28.73 12.22 5.52
C2 A1AP4 L . 29.86 13.17 5.76
C3 A1AP4 L . 29.43 13.21 8.18
C9 A1AP4 L . 33.79 15.52 8.91
S DMS M . 21.32 11.73 -5.64
O DMS M . 21.15 11.86 -4.13
C1 DMS M . 19.81 10.92 -6.18
C2 DMS M . 21.01 13.32 -6.38
S DMS N . 5.66 17.13 -19.61
O DMS N . 6.49 16.18 -20.52
C1 DMS N . 5.22 16.16 -18.29
C2 DMS N . 4.04 17.18 -20.34
S DMS O . 11.79 19.45 -17.18
O DMS O . 13.01 19.16 -16.39
C1 DMS O . 12.25 19.35 -18.88
C2 DMS O . 11.56 21.20 -17.08
S DMS P . -0.93 19.92 -21.07
O DMS P . 0.27 19.35 -21.78
C1 DMS P . -2.35 19.13 -21.78
C2 DMS P . -1.18 21.54 -21.73
CL CL Q . -0.86 15.75 -21.17
CL CL R . 8.09 19.79 -21.16
CL CL S . -2.51 4.42 -12.57
N1 A1AP4 T . 1.96 -19.55 -9.27
C4 A1AP4 T . 3.33 -17.50 -9.41
C5 A1AP4 T . 4.69 -18.18 -9.25
C6 A1AP4 T . 5.12 -18.27 -7.79
C7 A1AP4 T . 6.51 -18.88 -7.63
C8 A1AP4 T . 7.54 -18.11 -8.44
C10 A1AP4 T . 5.75 -17.42 -10.04
N A1AP4 T . -0.24 -18.01 -8.95
C A1AP4 T . 0.90 -17.38 -8.73
O A1AP4 T . 0.96 -16.16 -8.57
C1 A1AP4 T . -0.47 -19.47 -9.00
C2 A1AP4 T . 0.80 -20.21 -8.66
C3 A1AP4 T . 2.17 -18.21 -8.70
C9 A1AP4 T . 7.14 -18.03 -9.89
S DMS U . -20.55 -15.64 -22.77
O DMS U . -20.90 -14.16 -22.48
C1 DMS U . -19.47 -16.15 -21.49
C2 DMS U . -19.35 -15.61 -24.09
S DMS V . -1.22 -0.49 5.63
O DMS V . -0.50 -1.14 4.48
C1 DMS V . -1.92 1.01 5.01
C2 DMS V . 0.02 0.22 6.67
S DMS W . -13.99 1.25 20.24
O DMS W . -12.61 0.66 20.34
C1 DMS W . -14.47 1.64 21.92
C2 DMS W . -15.08 -0.12 20.00
C TRS X . -29.00 -5.27 7.95
C1 TRS X . -29.44 -5.62 6.53
C2 TRS X . -29.82 -4.07 8.45
C3 TRS X . -29.18 -6.46 8.93
N TRS X . -27.54 -4.87 7.90
O1 TRS X . -29.02 -4.61 5.60
O2 TRS X . -29.36 -3.61 9.71
O3 TRS X . -28.96 -7.72 8.34
S DMS Y . -9.20 -14.78 32.07
O DMS Y . -9.56 -13.30 32.01
C1 DMS Y . -7.93 -15.03 30.85
C2 DMS Y . -10.53 -15.73 31.34
S DMS Z . -13.02 -3.86 15.68
O DMS Z . -13.02 -5.29 16.13
C1 DMS Z . -12.04 -2.99 16.88
C2 DMS Z . -14.61 -3.18 16.12
S DMS AA . -29.22 -16.35 24.59
O DMS AA . -29.40 -15.16 25.51
C1 DMS AA . -27.50 -16.69 24.53
C2 DMS AA . -29.43 -15.73 22.93
CL CL BA . -11.82 5.99 24.39
CL CL CA . -14.50 0.42 16.69
#